data_5OAR
#
_entry.id   5OAR
#
_cell.length_a   105.752
_cell.length_b   105.752
_cell.length_c   285.807
_cell.angle_alpha   90.000
_cell.angle_beta   90.000
_cell.angle_gamma   90.000
#
_symmetry.space_group_name_H-M   'P 43 21 2'
#
loop_
_entity.id
_entity.type
_entity.pdbx_description
1 polymer Beta-hexosaminidase
2 polymer Beta-hexosaminidase
3 branched beta-D-mannopyranose-(1-4)-2-acetamido-2-deoxy-beta-D-glucopyranose-(1-4)-2-acetamido-2-deoxy-beta-D-glucopyranose
4 branched 2-acetamido-2-deoxy-beta-D-glucopyranose-(1-4)-2-acetamido-2-deoxy-beta-D-glucopyranose
5 non-polymer alpha-D-mannopyranose
6 non-polymer 2-acetamido-2-deoxy-beta-D-glucopyranose
7 non-polymer 3AR,5R,6S,7R,7AR-5-HYDROXYMETHYL-2-METHYL-5,6,7,7A-TETRAHYDRO-3AH-PYRANO[3,2-D]THIAZOLE-6,7-DIOL
8 non-polymer 'CHLORIDE ION'
9 non-polymer 'HEXATANTALUM DODECABROMIDE'
10 water water
#
loop_
_entity_poly.entity_id
_entity_poly.type
_entity_poly.pdbx_seq_one_letter_code
_entity_poly.pdbx_strand_id
1 'polypeptide(L)' VGVNPLPAPREISWGSSGPKSIAGELQLRTDSDSADGIVADAWNRAWETIVALRWVPAATEAPISSFEPFPTPTAGAS A,C
2 'polypeptide(L)'
;ASNSLQYVNVQVKDIEADLQHGVDESYTLDVEEDSDTITINAETVWGALHAFTTLQQLVISDGHGGLIIEEPVNIKDSPL
YPYRGIMLDTGRNFVSLPKIFEQLEGMSLSKLNVLHWHIDDAQSWPIWVDVYPEMVKDAYSPHEIYSRNDVRNIVNYARA
RGIRVIPEIDMPSHSSSGWKQVDPEMVTCTDSWWSNDDWPLHTAVEPNPGQLDIIYNKTYEVVGNVYKELSDIFPDHWFH
VGGDEIQPNCFNFSTHVTKWFAEDPSRTYHDLAQYWVDHAVPIFQNYSQERRLVMWEDIALSADNAHDVPKNIVMQSWNN
GLEYISNLTARGYDVIVSSSDFLYLDCGHGGFVTNDPRYNVMANPDANTPNFNYGGNGGSWCAPYKTWQRIYDYDFTLNL
TETQAKHIIGATAPLWGEQVDDINVSSMFWPRAAALAELVWSGNRDANGNKRTTEMTQRILNFREYLVANGVQAQALVPK
YCLQHPHACDLYRNQAAIQ
;
B,D
#
loop_
_chem_comp.id
_chem_comp.type
_chem_comp.name
_chem_comp.formula
BMA D-saccharide, beta linking beta-D-mannopyranose 'C6 H12 O6'
CL non-polymer 'CHLORIDE ION' 'Cl -1'
MAN D-saccharide, alpha linking alpha-D-mannopyranose 'C6 H12 O6'
NAG D-saccharide, beta linking 2-acetamido-2-deoxy-beta-D-glucopyranose 'C8 H15 N O6'
NGT non-polymer 3AR,5R,6S,7R,7AR-5-HYDROXYMETHYL-2-METHYL-5,6,7,7A-TETRAHYDRO-3AH-PYRANO[3,2-D]THIAZOLE-6,7-DIOL 'C8 H13 N O4 S'
TBR non-polymer 'HEXATANTALUM DODECABROMIDE' 'Br12 Ta6'
#
# COMPACT_ATOMS: atom_id res chain seq x y z
N VAL A 1 -27.71 -6.00 17.57
CA VAL A 1 -26.82 -7.18 17.70
C VAL A 1 -25.41 -6.76 17.29
N GLY A 2 -24.41 -7.61 17.57
CA GLY A 2 -23.03 -7.34 17.19
C GLY A 2 -22.69 -7.50 15.70
N VAL A 3 -23.26 -8.52 15.08
CA VAL A 3 -23.04 -8.74 13.65
C VAL A 3 -23.64 -7.62 12.80
N ASN A 4 -23.09 -7.52 11.60
CA ASN A 4 -23.25 -6.34 10.77
C ASN A 4 -22.78 -6.71 9.38
N PRO A 5 -23.55 -7.56 8.70
CA PRO A 5 -23.09 -8.12 7.45
C PRO A 5 -22.91 -7.08 6.37
N LEU A 6 -21.91 -7.27 5.53
CA LEU A 6 -21.65 -6.41 4.37
C LEU A 6 -21.88 -7.19 3.08
N PRO A 7 -22.55 -6.58 2.08
CA PRO A 7 -23.29 -5.36 2.12
C PRO A 7 -24.43 -5.41 3.13
N ALA A 8 -24.83 -4.25 3.63
CA ALA A 8 -26.05 -4.18 4.43
C ALA A 8 -27.16 -4.70 3.52
N PRO A 9 -27.94 -5.68 4.01
CA PRO A 9 -29.02 -6.18 3.17
C PRO A 9 -30.12 -5.12 2.90
N ARG A 10 -30.77 -5.23 1.75
CA ARG A 10 -31.79 -4.29 1.36
C ARG A 10 -32.83 -4.13 2.47
N GLU A 11 -33.30 -5.26 2.99
CA GLU A 11 -34.18 -5.29 4.14
C GLU A 11 -33.70 -6.35 5.11
N ILE A 12 -33.50 -5.95 6.35
CA ILE A 12 -33.15 -6.88 7.40
C ILE A 12 -33.79 -6.44 8.69
N SER A 13 -34.32 -7.39 9.44
CA SER A 13 -35.02 -7.12 10.66
C SER A 13 -34.72 -8.22 11.72
N TRP A 14 -34.22 -7.80 12.87
CA TRP A 14 -33.84 -8.71 13.96
C TRP A 14 -34.94 -8.79 15.02
N GLY A 15 -35.09 -9.95 15.63
CA GLY A 15 -35.96 -10.12 16.78
C GLY A 15 -35.23 -9.92 18.09
N SER A 16 -35.94 -10.16 19.17
CA SER A 16 -35.43 -9.90 20.53
C SER A 16 -35.62 -11.07 21.50
N SER A 17 -35.91 -12.28 20.98
CA SER A 17 -36.09 -13.48 21.79
C SER A 17 -34.78 -14.17 22.23
N GLY A 18 -33.64 -13.58 21.87
CA GLY A 18 -32.33 -14.12 22.25
C GLY A 18 -31.68 -15.09 21.27
N PRO A 19 -30.48 -15.58 21.64
CA PRO A 19 -29.69 -16.40 20.76
C PRO A 19 -30.31 -17.75 20.45
N LYS A 20 -30.00 -18.25 19.26
CA LYS A 20 -30.38 -19.56 18.85
C LYS A 20 -29.10 -20.31 18.60
N SER A 21 -28.81 -21.30 19.42
CA SER A 21 -27.62 -22.12 19.24
C SER A 21 -27.68 -22.94 17.99
N ILE A 22 -26.52 -23.10 17.36
CA ILE A 22 -26.32 -24.07 16.29
C ILE A 22 -26.10 -25.36 17.02
N ALA A 23 -26.99 -26.33 16.84
CA ALA A 23 -26.82 -27.65 17.47
C ALA A 23 -26.10 -28.51 16.48
N GLY A 24 -24.95 -29.04 16.92
CA GLY A 24 -24.10 -29.83 16.08
C GLY A 24 -23.68 -29.02 14.88
N GLU A 25 -23.96 -29.54 13.69
CA GLU A 25 -23.57 -28.87 12.47
C GLU A 25 -24.80 -28.65 11.63
N LEU A 26 -24.93 -27.46 11.10
CA LEU A 26 -26.02 -27.18 10.20
C LEU A 26 -25.97 -28.10 8.99
N GLN A 27 -26.95 -28.97 8.89
CA GLN A 27 -27.14 -29.79 7.72
C GLN A 27 -27.92 -29.06 6.61
N LEU A 28 -27.34 -29.00 5.43
CA LEU A 28 -28.02 -28.49 4.25
C LEU A 28 -29.05 -29.47 3.77
N ARG A 29 -30.20 -28.96 3.35
CA ARG A 29 -31.29 -29.77 2.77
C ARG A 29 -31.82 -29.04 1.55
N THR A 30 -31.76 -29.68 0.41
CA THR A 30 -32.32 -29.10 -0.79
C THR A 30 -32.60 -30.19 -1.81
N ASP A 31 -33.58 -29.92 -2.65
CA ASP A 31 -33.90 -30.76 -3.80
C ASP A 31 -33.57 -29.99 -5.06
N SER A 32 -33.19 -28.74 -4.90
CA SER A 32 -33.08 -27.80 -6.02
C SER A 32 -31.66 -27.23 -6.07
N ASP A 33 -30.77 -28.06 -6.58
CA ASP A 33 -29.43 -27.70 -6.85
C ASP A 33 -29.18 -27.95 -8.33
N SER A 34 -28.17 -27.29 -8.88
CA SER A 34 -27.78 -27.53 -10.25
C SER A 34 -27.24 -28.96 -10.32
N ALA A 35 -26.94 -29.40 -11.53
CA ALA A 35 -26.37 -30.73 -11.72
C ALA A 35 -24.89 -30.75 -11.34
N ASP A 36 -24.23 -29.60 -11.38
CA ASP A 36 -22.83 -29.50 -10.95
C ASP A 36 -22.65 -29.23 -9.43
N GLY A 37 -23.72 -29.36 -8.63
CA GLY A 37 -23.65 -29.21 -7.16
C GLY A 37 -23.13 -27.87 -6.60
N ILE A 38 -23.33 -26.80 -7.37
CA ILE A 38 -22.91 -25.45 -7.00
C ILE A 38 -23.34 -25.09 -5.57
N VAL A 39 -24.59 -25.36 -5.22
CA VAL A 39 -25.07 -24.97 -3.91
C VAL A 39 -24.44 -25.81 -2.79
N ALA A 40 -24.46 -27.14 -2.97
CA ALA A 40 -23.84 -28.07 -2.02
C ALA A 40 -22.40 -27.70 -1.74
N ASP A 41 -21.65 -27.35 -2.77
CA ASP A 41 -20.25 -27.02 -2.60
C ASP A 41 -20.06 -25.67 -1.90
N ALA A 42 -20.96 -24.73 -2.17
CA ALA A 42 -20.82 -23.41 -1.60
C ALA A 42 -21.11 -23.48 -0.11
N TRP A 43 -22.12 -24.26 0.24
CA TRP A 43 -22.43 -24.54 1.63
C TRP A 43 -21.29 -25.24 2.38
N ASN A 44 -20.61 -26.18 1.74
CA ASN A 44 -19.47 -26.80 2.41
C ASN A 44 -18.40 -25.77 2.75
N ARG A 45 -18.09 -24.88 1.80
CA ARG A 45 -17.10 -23.87 2.03
C ARG A 45 -17.57 -22.90 3.12
N ALA A 46 -18.81 -22.40 2.99
CA ALA A 46 -19.37 -21.50 3.96
C ALA A 46 -19.41 -22.12 5.34
N TRP A 47 -19.75 -23.39 5.42
CA TRP A 47 -19.94 -24.00 6.74
C TRP A 47 -18.57 -24.27 7.38
N GLU A 48 -17.61 -24.72 6.59
CA GLU A 48 -16.29 -25.04 7.14
C GLU A 48 -15.55 -23.79 7.62
N THR A 49 -15.76 -22.67 6.94
CA THR A 49 -15.31 -21.38 7.41
C THR A 49 -15.98 -20.98 8.72
N ILE A 50 -17.31 -21.10 8.78
CA ILE A 50 -18.05 -20.74 9.98
C ILE A 50 -17.49 -21.49 11.17
N VAL A 51 -17.32 -22.82 11.07
CA VAL A 51 -16.84 -23.60 12.22
C VAL A 51 -15.36 -23.40 12.52
N ALA A 52 -14.57 -23.02 11.54
CA ALA A 52 -13.16 -22.81 11.79
C ALA A 52 -12.92 -21.40 12.39
N LEU A 53 -13.72 -20.42 12.01
CA LEU A 53 -13.51 -19.09 12.51
C LEU A 53 -14.13 -18.90 13.89
N ARG A 54 -15.28 -19.52 14.14
CA ARG A 54 -16.00 -19.25 15.37
C ARG A 54 -15.93 -17.73 15.65
N TRP A 55 -16.35 -16.98 14.63
CA TRP A 55 -16.13 -15.54 14.55
C TRP A 55 -16.59 -14.78 15.80
N VAL A 56 -15.82 -13.76 16.18
CA VAL A 56 -16.17 -12.83 17.25
C VAL A 56 -16.20 -11.45 16.65
N PRO A 57 -17.36 -10.79 16.65
CA PRO A 57 -17.36 -9.44 16.09
C PRO A 57 -16.17 -8.58 16.56
N ALA A 58 -15.42 -8.01 15.63
CA ALA A 58 -14.23 -7.20 15.93
C ALA A 58 -14.59 -5.72 16.14
N ALA A 59 -15.65 -5.26 15.48
CA ALA A 59 -16.15 -3.92 15.68
C ALA A 59 -17.64 -3.92 15.51
N THR A 60 -18.34 -3.31 16.47
CA THR A 60 -19.79 -3.33 16.55
C THR A 60 -20.33 -1.92 16.66
N GLU A 61 -21.58 -1.73 16.24
CA GLU A 61 -22.18 -0.42 16.23
C GLU A 61 -22.64 -0.01 17.65
N ALA A 62 -22.40 1.24 18.01
CA ALA A 62 -22.99 1.80 19.23
C ALA A 62 -23.05 3.30 19.05
N PRO A 63 -23.96 3.94 19.76
CA PRO A 63 -23.93 5.41 19.65
C PRO A 63 -22.58 6.01 20.05
N ILE A 64 -22.17 7.06 19.37
CA ILE A 64 -20.99 7.83 19.79
C ILE A 64 -21.08 8.16 21.30
N SER A 65 -19.92 8.20 21.96
CA SER A 65 -19.91 8.26 23.41
C SER A 65 -20.22 9.67 23.98
N SER A 66 -20.48 9.71 25.28
CA SER A 66 -20.62 10.96 25.97
C SER A 66 -19.23 11.37 26.51
N PHE A 67 -18.69 12.44 25.95
CA PHE A 67 -17.40 12.98 26.34
C PHE A 67 -17.60 14.08 27.38
N GLU A 68 -16.62 14.30 28.25
CA GLU A 68 -16.77 15.38 29.25
C GLU A 68 -16.56 16.72 28.57
N PRO A 69 -17.43 17.69 28.88
CA PRO A 69 -17.41 18.97 28.15
C PRO A 69 -16.21 19.79 28.47
N PHE A 70 -15.87 20.72 27.59
CA PHE A 70 -14.76 21.65 27.81
C PHE A 70 -15.15 22.61 28.95
N PRO A 71 -14.40 22.59 30.06
CA PRO A 71 -14.80 23.34 31.29
C PRO A 71 -14.87 24.88 31.15
N THR A 72 -16.01 25.46 31.57
CA THR A 72 -16.34 26.87 31.36
C THR A 72 -15.80 27.80 32.49
N SER B 2 -34.46 -21.30 24.36
CA SER B 2 -34.91 -21.04 22.95
C SER B 2 -34.41 -22.10 21.93
N ASN B 3 -35.07 -22.20 20.78
CA ASN B 3 -34.93 -23.39 19.92
C ASN B 3 -33.65 -23.47 19.02
N SER B 4 -32.91 -24.57 19.13
CA SER B 4 -31.63 -24.74 18.41
C SER B 4 -31.76 -25.03 16.93
N LEU B 5 -30.80 -24.50 16.19
CA LEU B 5 -30.79 -24.58 14.74
C LEU B 5 -30.01 -25.80 14.28
N GLN B 6 -30.64 -26.52 13.37
CA GLN B 6 -30.18 -27.82 12.93
C GLN B 6 -29.95 -27.87 11.43
N TYR B 7 -30.82 -27.19 10.69
CA TYR B 7 -30.91 -27.32 9.25
C TYR B 7 -30.84 -26.01 8.53
N VAL B 8 -30.38 -26.06 7.30
CA VAL B 8 -30.48 -24.96 6.38
C VAL B 8 -31.21 -25.41 5.14
N ASN B 9 -32.45 -24.98 4.98
CA ASN B 9 -33.26 -25.38 3.84
C ASN B 9 -33.12 -24.36 2.78
N VAL B 10 -32.80 -24.82 1.60
CA VAL B 10 -32.62 -23.98 0.47
C VAL B 10 -33.54 -24.44 -0.61
N GLN B 11 -34.39 -23.52 -1.05
CA GLN B 11 -35.26 -23.78 -2.16
C GLN B 11 -34.92 -22.78 -3.23
N VAL B 12 -34.57 -23.31 -4.38
CA VAL B 12 -34.12 -22.56 -5.53
C VAL B 12 -35.14 -22.83 -6.64
N LYS B 13 -35.72 -21.77 -7.18
CA LYS B 13 -36.83 -21.91 -8.11
C LYS B 13 -36.36 -22.41 -9.47
N ASP B 14 -35.33 -21.77 -10.02
CA ASP B 14 -34.73 -22.09 -11.35
C ASP B 14 -33.29 -22.58 -11.18
N ILE B 15 -33.07 -23.88 -11.36
CA ILE B 15 -31.76 -24.50 -11.26
C ILE B 15 -30.98 -24.47 -12.59
N GLU B 16 -31.59 -23.92 -13.63
CA GLU B 16 -31.03 -23.88 -15.00
C GLU B 16 -30.24 -22.61 -15.28
N ALA B 17 -30.60 -21.54 -14.58
CA ALA B 17 -30.08 -20.22 -14.90
C ALA B 17 -28.58 -20.25 -14.75
N ASP B 18 -27.91 -19.94 -15.86
CA ASP B 18 -26.47 -19.96 -15.95
C ASP B 18 -25.98 -18.61 -15.38
N LEU B 19 -24.68 -18.56 -15.06
CA LEU B 19 -24.05 -17.36 -14.48
C LEU B 19 -23.75 -16.44 -15.63
N GLN B 20 -24.62 -15.47 -15.80
CA GLN B 20 -24.56 -14.55 -16.93
C GLN B 20 -25.27 -13.27 -16.52
N HIS B 21 -25.10 -12.23 -17.33
CA HIS B 21 -25.53 -10.89 -16.98
C HIS B 21 -27.04 -10.87 -16.76
N GLY B 22 -27.45 -10.31 -15.63
CA GLY B 22 -28.85 -10.05 -15.31
C GLY B 22 -29.53 -11.15 -14.50
N VAL B 23 -28.94 -12.34 -14.45
CA VAL B 23 -29.52 -13.48 -13.77
C VAL B 23 -29.97 -13.02 -12.39
N ASP B 24 -31.06 -13.59 -11.90
CA ASP B 24 -31.64 -13.13 -10.65
C ASP B 24 -30.76 -13.51 -9.46
N GLU B 25 -30.26 -12.53 -8.74
CA GLU B 25 -29.40 -12.78 -7.58
C GLU B 25 -30.06 -12.63 -6.25
N SER B 26 -31.39 -12.47 -6.23
CA SER B 26 -32.10 -12.14 -5.00
C SER B 26 -32.25 -13.36 -4.13
N TYR B 27 -32.56 -13.16 -2.86
CA TYR B 27 -32.86 -14.29 -1.95
C TYR B 27 -33.63 -13.82 -0.72
N THR B 28 -34.18 -14.75 0.03
CA THR B 28 -34.66 -14.44 1.36
C THR B 28 -33.97 -15.37 2.31
N LEU B 29 -33.75 -14.91 3.52
CA LEU B 29 -33.16 -15.69 4.58
C LEU B 29 -33.92 -15.40 5.87
N ASP B 30 -34.50 -16.44 6.46
CA ASP B 30 -35.39 -16.29 7.61
C ASP B 30 -34.96 -17.25 8.70
N VAL B 31 -34.72 -16.73 9.90
CA VAL B 31 -34.47 -17.57 11.06
C VAL B 31 -35.54 -17.17 12.08
N GLU B 32 -36.43 -18.12 12.41
CA GLU B 32 -37.61 -17.86 13.27
C GLU B 32 -37.34 -18.33 14.69
N GLU B 33 -37.91 -17.60 15.66
CA GLU B 33 -37.68 -17.89 17.10
C GLU B 33 -37.77 -19.38 17.52
N ASP B 34 -38.84 -20.04 17.07
CA ASP B 34 -39.14 -21.42 17.47
C ASP B 34 -38.98 -22.43 16.30
N SER B 35 -38.19 -22.09 15.28
CA SER B 35 -37.87 -22.99 14.16
C SER B 35 -36.44 -23.52 14.29
N ASP B 36 -36.27 -24.80 13.94
CA ASP B 36 -34.95 -25.43 13.97
C ASP B 36 -34.19 -25.28 12.61
N THR B 37 -34.83 -24.55 11.70
CA THR B 37 -34.44 -24.50 10.32
C THR B 37 -34.09 -23.06 9.95
N ILE B 38 -32.98 -22.87 9.26
CA ILE B 38 -32.67 -21.60 8.62
C ILE B 38 -33.22 -21.74 7.24
N THR B 39 -34.14 -20.87 6.86
CA THR B 39 -34.82 -20.98 5.59
C THR B 39 -34.34 -20.01 4.58
N ILE B 40 -33.87 -20.52 3.44
CA ILE B 40 -33.34 -19.69 2.37
C ILE B 40 -34.11 -19.99 1.12
N ASN B 41 -34.65 -18.95 0.49
CA ASN B 41 -35.32 -19.06 -0.82
C ASN B 41 -34.63 -18.17 -1.80
N ALA B 42 -34.53 -18.59 -3.03
CA ALA B 42 -33.84 -17.85 -4.06
C ALA B 42 -34.34 -18.21 -5.43
N GLU B 43 -34.32 -17.24 -6.31
CA GLU B 43 -34.75 -17.46 -7.68
C GLU B 43 -33.77 -18.33 -8.48
N THR B 44 -32.47 -18.25 -8.15
CA THR B 44 -31.45 -19.12 -8.76
C THR B 44 -30.42 -19.60 -7.76
N VAL B 45 -29.54 -20.49 -8.17
CA VAL B 45 -28.44 -20.91 -7.29
C VAL B 45 -27.56 -19.70 -6.93
N TRP B 46 -27.39 -18.78 -7.85
CA TRP B 46 -26.57 -17.56 -7.61
C TRP B 46 -27.10 -16.71 -6.46
N GLY B 47 -28.40 -16.65 -6.31
CA GLY B 47 -29.01 -15.97 -5.15
C GLY B 47 -28.75 -16.76 -3.89
N ALA B 48 -28.74 -18.08 -4.02
CA ALA B 48 -28.49 -18.94 -2.86
C ALA B 48 -27.08 -18.74 -2.30
N LEU B 49 -26.08 -18.57 -3.17
CA LEU B 49 -24.69 -18.36 -2.73
C LEU B 49 -24.55 -17.07 -1.94
N HIS B 50 -25.22 -16.03 -2.40
CA HIS B 50 -25.23 -14.77 -1.68
C HIS B 50 -25.78 -14.97 -0.27
N ALA B 51 -26.81 -15.82 -0.13
CA ALA B 51 -27.43 -16.09 1.15
C ALA B 51 -26.42 -16.70 2.13
N PHE B 52 -25.61 -17.63 1.63
CA PHE B 52 -24.60 -18.25 2.45
C PHE B 52 -23.53 -17.28 2.95
N THR B 53 -23.05 -16.38 2.09
CA THR B 53 -22.04 -15.42 2.50
C THR B 53 -22.64 -14.40 3.45
N THR B 54 -23.95 -14.13 3.32
CA THR B 54 -24.61 -13.30 4.31
C THR B 54 -24.60 -14.09 5.61
N LEU B 55 -24.98 -15.35 5.50
CA LEU B 55 -25.20 -16.17 6.68
C LEU B 55 -23.93 -16.39 7.48
N GLN B 56 -22.80 -16.57 6.83
CA GLN B 56 -21.54 -16.77 7.56
C GLN B 56 -21.14 -15.54 8.35
N GLN B 57 -21.59 -14.37 7.90
CA GLN B 57 -21.30 -13.16 8.65
C GLN B 57 -22.24 -12.98 9.83
N LEU B 58 -23.19 -13.91 10.00
CA LEU B 58 -24.16 -13.87 11.10
C LEU B 58 -23.92 -14.90 12.21
N VAL B 59 -23.21 -15.98 11.91
CA VAL B 59 -22.97 -17.02 12.87
C VAL B 59 -21.63 -16.78 13.56
N ILE B 60 -21.71 -16.58 14.86
CA ILE B 60 -20.61 -16.16 15.69
C ILE B 60 -20.46 -17.06 16.91
N SER B 61 -19.36 -16.87 17.60
CA SER B 61 -19.07 -17.64 18.81
C SER B 61 -20.00 -17.22 19.94
N ASP B 62 -20.55 -18.18 20.68
CA ASP B 62 -21.23 -17.82 21.94
C ASP B 62 -20.22 -17.59 23.09
N GLY B 63 -18.91 -17.58 22.78
CA GLY B 63 -17.87 -17.32 23.77
C GLY B 63 -17.63 -18.47 24.74
N HIS B 64 -18.29 -19.60 24.49
CA HIS B 64 -18.22 -20.78 25.37
C HIS B 64 -17.97 -22.07 24.58
N GLY B 65 -17.44 -21.94 23.36
CA GLY B 65 -17.10 -23.10 22.53
C GLY B 65 -18.12 -23.40 21.45
N GLY B 66 -19.30 -22.78 21.56
CA GLY B 66 -20.39 -23.05 20.64
C GLY B 66 -20.63 -21.92 19.68
N LEU B 67 -21.70 -22.04 18.93
CA LEU B 67 -22.06 -21.08 17.90
C LEU B 67 -23.51 -20.67 18.03
N ILE B 68 -23.76 -19.40 17.74
CA ILE B 68 -25.09 -18.85 17.74
C ILE B 68 -25.35 -17.96 16.55
N ILE B 69 -26.63 -17.73 16.27
CA ILE B 69 -27.06 -16.50 15.62
C ILE B 69 -27.70 -15.73 16.76
N GLU B 70 -27.38 -14.46 16.87
CA GLU B 70 -27.73 -13.68 18.07
C GLU B 70 -29.22 -13.48 18.31
N GLU B 71 -29.99 -13.38 17.23
CA GLU B 71 -31.41 -13.18 17.32
C GLU B 71 -32.12 -13.79 16.10
N PRO B 72 -33.42 -13.99 16.19
CA PRO B 72 -34.14 -14.29 14.95
C PRO B 72 -33.95 -13.19 13.94
N VAL B 73 -34.15 -13.50 12.68
CA VAL B 73 -33.91 -12.51 11.66
C VAL B 73 -34.67 -12.86 10.40
N ASN B 74 -35.15 -11.83 9.73
CA ASN B 74 -35.75 -11.96 8.41
C ASN B 74 -35.02 -11.00 7.50
N ILE B 75 -34.49 -11.54 6.42
CA ILE B 75 -33.77 -10.77 5.44
C ILE B 75 -34.40 -11.02 4.07
N LYS B 76 -34.44 -9.97 3.28
CA LYS B 76 -34.81 -10.04 1.88
C LYS B 76 -33.81 -9.16 1.22
N ASP B 77 -33.18 -9.67 0.18
CA ASP B 77 -31.99 -9.03 -0.36
C ASP B 77 -31.85 -9.27 -1.85
N SER B 78 -31.25 -8.29 -2.53
CA SER B 78 -30.95 -8.37 -3.97
C SER B 78 -30.14 -7.16 -4.30
N PRO B 79 -29.43 -7.17 -5.45
CA PRO B 79 -28.53 -6.05 -5.79
C PRO B 79 -29.21 -4.94 -6.58
N LEU B 80 -28.92 -3.69 -6.24
CA LEU B 80 -29.38 -2.57 -7.03
C LEU B 80 -28.87 -2.62 -8.49
N TYR B 81 -27.68 -3.17 -8.70
CA TYR B 81 -27.07 -3.23 -10.03
C TYR B 81 -26.54 -4.63 -10.29
N PRO B 82 -26.64 -5.10 -11.54
CA PRO B 82 -26.21 -6.45 -11.90
C PRO B 82 -24.72 -6.56 -12.19
N TYR B 83 -24.07 -5.41 -12.43
CA TYR B 83 -22.67 -5.38 -12.76
C TYR B 83 -21.83 -4.79 -11.60
N ARG B 84 -21.29 -5.64 -10.77
CA ARG B 84 -20.54 -5.20 -9.59
C ARG B 84 -19.11 -5.74 -9.60
N GLY B 85 -18.18 -4.90 -10.03
CA GLY B 85 -16.86 -5.36 -10.33
C GLY B 85 -15.63 -4.62 -9.84
N ILE B 86 -14.52 -5.34 -9.92
CA ILE B 86 -13.19 -4.79 -9.83
C ILE B 86 -12.41 -5.25 -11.04
N MET B 87 -11.38 -4.49 -11.38
CA MET B 87 -10.56 -4.80 -12.55
C MET B 87 -9.11 -5.03 -12.11
N LEU B 88 -8.56 -6.14 -12.60
CA LEU B 88 -7.23 -6.55 -12.32
C LEU B 88 -6.40 -6.38 -13.58
N ASP B 89 -5.26 -5.71 -13.45
CA ASP B 89 -4.30 -5.48 -14.51
C ASP B 89 -3.11 -6.40 -14.34
N THR B 90 -3.07 -7.46 -15.13
CA THR B 90 -1.93 -8.38 -15.22
C THR B 90 -1.08 -8.10 -16.46
N GLY B 91 -1.32 -6.95 -17.10
CA GLY B 91 -0.48 -6.51 -18.24
C GLY B 91 0.80 -5.82 -17.80
N ARG B 92 0.71 -4.95 -16.80
CA ARG B 92 1.88 -4.22 -16.33
C ARG B 92 2.76 -5.05 -15.47
N ASN B 93 2.13 -5.84 -14.60
CA ASN B 93 2.82 -6.76 -13.70
C ASN B 93 1.98 -8.04 -13.53
N PHE B 94 2.67 -9.17 -13.39
CA PHE B 94 2.04 -10.48 -13.22
C PHE B 94 1.46 -10.68 -11.81
N VAL B 95 0.26 -11.21 -11.72
CA VAL B 95 -0.36 -11.58 -10.46
C VAL B 95 -0.63 -13.04 -10.54
N SER B 96 -0.20 -13.77 -9.50
CA SER B 96 -0.27 -15.23 -9.54
C SER B 96 -1.66 -15.71 -9.21
N LEU B 97 -1.89 -16.97 -9.52
CA LEU B 97 -3.18 -17.59 -9.34
C LEU B 97 -3.69 -17.53 -7.92
N PRO B 98 -2.82 -17.80 -6.94
CA PRO B 98 -3.30 -17.74 -5.54
C PRO B 98 -3.77 -16.34 -5.14
N LYS B 99 -3.09 -15.31 -5.61
CA LYS B 99 -3.56 -13.96 -5.35
C LYS B 99 -4.81 -13.61 -6.15
N ILE B 100 -4.97 -14.21 -7.32
CA ILE B 100 -6.24 -14.05 -8.07
C ILE B 100 -7.37 -14.75 -7.33
N PHE B 101 -7.12 -15.94 -6.81
CA PHE B 101 -8.11 -16.62 -5.99
C PHE B 101 -8.46 -15.82 -4.76
N GLU B 102 -7.46 -15.24 -4.12
CA GLU B 102 -7.69 -14.46 -2.93
C GLU B 102 -8.65 -13.31 -3.24
N GLN B 103 -8.52 -12.69 -4.41
CA GLN B 103 -9.40 -11.58 -4.75
C GLN B 103 -10.82 -12.08 -4.95
N LEU B 104 -10.95 -13.27 -5.52
CA LEU B 104 -12.25 -13.83 -5.83
C LEU B 104 -12.97 -14.18 -4.54
N GLU B 105 -12.19 -14.61 -3.54
CA GLU B 105 -12.69 -14.84 -2.20
C GLU B 105 -13.24 -13.54 -1.61
N GLY B 106 -12.50 -12.47 -1.75
CA GLY B 106 -12.96 -11.16 -1.29
C GLY B 106 -14.25 -10.73 -2.00
N MET B 107 -14.32 -10.97 -3.28
CA MET B 107 -15.50 -10.64 -4.07
C MET B 107 -16.69 -11.44 -3.58
N SER B 108 -16.46 -12.72 -3.36
CA SER B 108 -17.47 -13.60 -2.85
C SER B 108 -18.13 -13.02 -1.59
N LEU B 109 -17.30 -12.62 -0.65
CA LEU B 109 -17.79 -12.21 0.66
C LEU B 109 -18.46 -10.84 0.62
N SER B 110 -18.09 -10.01 -0.35
CA SER B 110 -18.69 -8.70 -0.50
C SER B 110 -19.75 -8.67 -1.63
N LYS B 111 -20.01 -9.82 -2.23
CA LYS B 111 -21.01 -10.00 -3.27
C LYS B 111 -20.76 -9.24 -4.58
N LEU B 112 -19.51 -8.88 -4.85
CA LEU B 112 -19.15 -8.42 -6.17
C LEU B 112 -19.24 -9.63 -7.11
N ASN B 113 -19.60 -9.42 -8.35
CA ASN B 113 -19.84 -10.54 -9.22
C ASN B 113 -19.15 -10.48 -10.56
N VAL B 114 -18.37 -9.43 -10.82
CA VAL B 114 -17.58 -9.32 -12.03
C VAL B 114 -16.11 -9.11 -11.74
N LEU B 115 -15.25 -10.02 -12.19
CA LEU B 115 -13.83 -9.74 -12.25
C LEU B 115 -13.46 -9.37 -13.66
N HIS B 116 -13.27 -8.08 -13.86
CA HIS B 116 -12.86 -7.57 -15.15
C HIS B 116 -11.34 -7.77 -15.26
N TRP B 117 -10.94 -8.72 -16.10
CA TRP B 117 -9.54 -9.12 -16.18
C TRP B 117 -8.83 -8.41 -17.36
N HIS B 118 -8.14 -7.33 -17.03
CA HIS B 118 -7.23 -6.66 -17.94
C HIS B 118 -5.96 -7.48 -18.11
N ILE B 119 -6.02 -8.40 -19.07
CA ILE B 119 -5.03 -9.49 -19.18
C ILE B 119 -3.62 -9.06 -19.62
N ASP B 120 -3.59 -8.37 -20.75
CA ASP B 120 -2.39 -7.83 -21.30
C ASP B 120 -2.40 -6.30 -21.32
N ASP B 121 -1.22 -5.74 -21.63
CA ASP B 121 -1.12 -4.35 -22.02
C ASP B 121 0.14 -4.19 -22.90
N ALA B 122 0.51 -2.96 -23.20
CA ALA B 122 1.72 -2.74 -23.96
C ALA B 122 2.90 -3.54 -23.40
N GLN B 123 3.00 -3.59 -22.07
CA GLN B 123 4.22 -4.04 -21.32
C GLN B 123 4.45 -5.55 -21.25
N SER B 124 3.38 -6.34 -21.39
CA SER B 124 3.55 -7.79 -21.42
C SER B 124 2.31 -8.44 -21.99
N TRP B 125 2.52 -9.61 -22.55
CA TRP B 125 1.46 -10.51 -22.93
C TRP B 125 1.70 -11.76 -22.14
N PRO B 126 0.91 -11.98 -21.09
CA PRO B 126 1.10 -13.10 -20.23
C PRO B 126 0.17 -14.31 -20.49
N ILE B 127 -0.69 -14.24 -21.51
CA ILE B 127 -1.69 -15.32 -21.69
C ILE B 127 -1.35 -16.21 -22.88
N TRP B 128 -1.38 -17.51 -22.63
CA TRP B 128 -1.08 -18.49 -23.64
C TRP B 128 -2.11 -18.49 -24.73
N VAL B 129 -1.67 -18.38 -25.97
CA VAL B 129 -2.54 -18.49 -27.13
C VAL B 129 -2.04 -19.57 -28.04
N ASP B 130 -2.83 -20.63 -28.23
CA ASP B 130 -2.42 -21.79 -29.11
C ASP B 130 -2.12 -21.36 -30.52
N VAL B 131 -2.99 -20.57 -31.12
CA VAL B 131 -2.89 -20.19 -32.53
C VAL B 131 -1.65 -19.31 -32.87
N TYR B 132 -1.11 -18.63 -31.85
CA TYR B 132 0.16 -17.93 -31.97
C TYR B 132 1.00 -18.17 -30.72
N PRO B 133 1.71 -19.30 -30.66
CA PRO B 133 2.50 -19.64 -29.49
C PRO B 133 3.51 -18.57 -29.09
N GLU B 134 4.01 -17.86 -30.09
CA GLU B 134 5.07 -16.86 -29.91
C GLU B 134 4.71 -15.60 -29.10
N MET B 135 3.41 -15.38 -28.81
CA MET B 135 2.98 -14.16 -28.12
C MET B 135 3.55 -14.12 -26.71
N VAL B 136 3.53 -15.25 -26.02
CA VAL B 136 4.11 -15.31 -24.67
C VAL B 136 5.63 -15.13 -24.62
N LYS B 137 6.27 -14.93 -25.76
CA LYS B 137 7.67 -14.48 -25.74
C LYS B 137 7.78 -13.09 -25.08
N ASP B 138 6.70 -12.31 -25.11
CA ASP B 138 6.64 -11.01 -24.43
C ASP B 138 5.98 -11.11 -23.05
N ALA B 139 5.98 -12.31 -22.46
CA ALA B 139 5.71 -12.47 -21.02
C ALA B 139 6.99 -12.13 -20.25
N TYR B 140 6.85 -11.68 -19.02
CA TYR B 140 7.98 -11.33 -18.19
C TYR B 140 8.94 -12.50 -17.88
N SER B 141 8.42 -13.72 -17.76
CA SER B 141 9.26 -14.91 -17.53
C SER B 141 8.43 -16.16 -17.90
N PRO B 142 9.09 -17.31 -18.12
CA PRO B 142 8.30 -18.53 -18.44
C PRO B 142 7.36 -18.90 -17.32
N HIS B 143 7.71 -18.54 -16.10
CA HIS B 143 6.87 -18.82 -14.94
C HIS B 143 5.78 -17.76 -14.69
N GLU B 144 5.68 -16.76 -15.57
CA GLU B 144 4.71 -15.68 -15.42
C GLU B 144 3.77 -15.66 -16.64
N ILE B 145 3.21 -16.83 -16.90
CA ILE B 145 2.33 -17.08 -18.02
C ILE B 145 1.05 -17.70 -17.50
N TYR B 146 -0.09 -17.27 -18.01
CA TYR B 146 -1.36 -17.89 -17.67
C TYR B 146 -1.61 -18.97 -18.70
N SER B 147 -1.39 -20.21 -18.32
CA SER B 147 -1.76 -21.34 -19.18
C SER B 147 -3.29 -21.38 -19.37
N ARG B 148 -3.72 -22.14 -20.38
CA ARG B 148 -5.14 -22.37 -20.60
C ARG B 148 -5.75 -23.07 -19.42
N ASN B 149 -5.03 -24.01 -18.84
CA ASN B 149 -5.55 -24.66 -17.63
C ASN B 149 -5.64 -23.67 -16.44
N ASP B 150 -4.74 -22.69 -16.36
CA ASP B 150 -4.81 -21.66 -15.35
C ASP B 150 -6.11 -20.88 -15.50
N VAL B 151 -6.38 -20.42 -16.73
CA VAL B 151 -7.63 -19.75 -17.04
C VAL B 151 -8.82 -20.64 -16.69
N ARG B 152 -8.80 -21.92 -17.05
CA ARG B 152 -9.91 -22.78 -16.66
C ARG B 152 -10.13 -22.75 -15.14
N ASN B 153 -9.06 -22.85 -14.35
CA ASN B 153 -9.20 -22.87 -12.88
C ASN B 153 -9.65 -21.55 -12.30
N ILE B 154 -9.27 -20.45 -12.95
CA ILE B 154 -9.76 -19.14 -12.58
C ILE B 154 -11.27 -18.96 -12.86
N VAL B 155 -11.68 -19.25 -14.07
CA VAL B 155 -13.09 -19.23 -14.45
C VAL B 155 -13.91 -20.08 -13.49
N ASN B 156 -13.43 -21.28 -13.24
CA ASN B 156 -14.08 -22.17 -12.36
C ASN B 156 -14.12 -21.78 -10.87
N TYR B 157 -13.04 -21.18 -10.36
CA TYR B 157 -12.99 -20.73 -8.97
C TYR B 157 -14.04 -19.66 -8.81
N ALA B 158 -14.10 -18.77 -9.80
CA ALA B 158 -15.09 -17.69 -9.84
C ALA B 158 -16.51 -18.25 -9.88
N ARG B 159 -16.74 -19.15 -10.84
CA ARG B 159 -18.04 -19.75 -11.06
C ARG B 159 -18.54 -20.28 -9.76
N ALA B 160 -17.67 -20.97 -9.03
CA ALA B 160 -18.09 -21.56 -7.77
C ALA B 160 -18.58 -20.52 -6.75
N ARG B 161 -18.13 -19.26 -6.90
CA ARG B 161 -18.50 -18.16 -6.03
C ARG B 161 -19.41 -17.18 -6.75
N GLY B 162 -20.09 -17.66 -7.79
CA GLY B 162 -21.04 -16.81 -8.54
C GLY B 162 -20.43 -15.55 -9.15
N ILE B 163 -19.16 -15.64 -9.57
CA ILE B 163 -18.45 -14.50 -10.09
C ILE B 163 -18.21 -14.73 -11.55
N ARG B 164 -18.50 -13.70 -12.34
CA ARG B 164 -18.31 -13.70 -13.79
C ARG B 164 -16.95 -13.14 -14.08
N VAL B 165 -16.19 -13.83 -14.93
CA VAL B 165 -14.91 -13.29 -15.38
C VAL B 165 -15.07 -12.70 -16.76
N ILE B 166 -14.82 -11.40 -16.86
CA ILE B 166 -14.88 -10.70 -18.11
C ILE B 166 -13.49 -10.33 -18.62
N PRO B 167 -13.01 -11.00 -19.67
CA PRO B 167 -11.69 -10.74 -20.14
C PRO B 167 -11.63 -9.45 -20.91
N GLU B 168 -10.51 -8.73 -20.80
CA GLU B 168 -10.23 -7.59 -21.65
C GLU B 168 -8.89 -7.75 -22.36
N ILE B 169 -8.92 -7.66 -23.67
CA ILE B 169 -7.71 -7.54 -24.47
C ILE B 169 -7.83 -6.16 -25.09
N ASP B 170 -7.03 -5.23 -24.59
CA ASP B 170 -7.24 -3.85 -24.88
C ASP B 170 -6.75 -3.57 -26.30
N MET B 171 -7.64 -3.07 -27.13
CA MET B 171 -7.27 -2.74 -28.50
C MET B 171 -7.98 -1.46 -28.90
N PRO B 172 -7.41 -0.72 -29.87
CA PRO B 172 -6.16 -0.94 -30.57
C PRO B 172 -4.97 -0.21 -29.93
N SER B 173 -5.23 0.66 -28.97
CA SER B 173 -4.16 1.20 -28.16
C SER B 173 -3.64 0.12 -27.17
N HIS B 174 -2.64 0.48 -26.38
CA HIS B 174 -2.05 -0.40 -25.40
C HIS B 174 -1.73 -1.73 -26.03
N SER B 175 -0.99 -1.69 -27.11
CA SER B 175 -0.71 -2.88 -27.93
C SER B 175 0.73 -2.86 -28.47
N SER B 176 1.57 -3.75 -27.94
CA SER B 176 2.94 -3.87 -28.33
C SER B 176 3.35 -5.29 -28.04
N SER B 177 3.52 -5.61 -26.74
CA SER B 177 3.88 -6.94 -26.34
C SER B 177 2.90 -7.94 -26.99
N GLY B 178 3.43 -9.09 -27.39
CA GLY B 178 2.61 -10.21 -27.86
C GLY B 178 2.27 -10.05 -29.33
N TRP B 179 1.44 -9.06 -29.64
CA TRP B 179 1.11 -8.74 -31.02
C TRP B 179 2.37 -8.66 -31.89
N LYS B 180 3.39 -7.95 -31.43
CA LYS B 180 4.57 -7.71 -32.26
C LYS B 180 5.41 -8.96 -32.48
N GLN B 181 5.22 -9.96 -31.62
CA GLN B 181 5.77 -11.28 -31.84
C GLN B 181 5.07 -12.03 -32.99
N VAL B 182 3.79 -11.76 -33.23
CA VAL B 182 3.06 -12.46 -34.30
C VAL B 182 3.42 -11.85 -35.65
N ASP B 183 3.43 -10.53 -35.70
CA ASP B 183 3.76 -9.84 -36.92
C ASP B 183 4.17 -8.40 -36.60
N PRO B 184 5.45 -8.06 -36.79
CA PRO B 184 5.97 -6.71 -36.46
C PRO B 184 5.16 -5.57 -37.06
N GLU B 185 4.61 -5.79 -38.25
CA GLU B 185 3.84 -4.76 -38.95
C GLU B 185 2.51 -4.45 -38.31
N MET B 186 1.98 -5.37 -37.50
CA MET B 186 0.62 -5.22 -36.99
C MET B 186 0.51 -4.18 -35.86
N VAL B 187 1.65 -3.87 -35.26
CA VAL B 187 1.77 -2.78 -34.29
C VAL B 187 2.70 -1.70 -34.81
N THR B 188 2.48 -0.45 -34.39
CA THR B 188 3.26 0.66 -34.88
C THR B 188 3.84 1.50 -33.72
N CYS B 189 4.99 2.13 -33.97
CA CYS B 189 5.63 3.01 -32.98
C CYS B 189 6.06 2.30 -31.70
N THR B 190 6.20 0.97 -31.73
CA THR B 190 6.65 0.22 -30.54
C THR B 190 8.12 0.52 -30.23
N ASP B 191 8.88 0.91 -31.25
CA ASP B 191 10.28 1.27 -31.03
C ASP B 191 10.47 2.75 -30.84
N SER B 192 9.37 3.51 -30.80
CA SER B 192 9.46 4.96 -30.64
C SER B 192 9.77 5.34 -29.20
N TRP B 193 10.27 6.54 -29.01
CA TRP B 193 10.47 7.07 -27.68
C TRP B 193 9.17 7.72 -27.27
N TRP B 194 8.62 7.29 -26.15
CA TRP B 194 7.25 7.74 -25.76
C TRP B 194 7.13 9.27 -25.63
N SER B 195 8.26 9.91 -25.42
CA SER B 195 8.44 11.35 -25.67
C SER B 195 7.45 12.27 -24.97
N ASN B 196 7.27 12.07 -23.67
CA ASN B 196 6.63 13.10 -22.85
C ASN B 196 7.61 14.17 -22.37
N ASP B 197 8.92 13.92 -22.54
CA ASP B 197 9.93 14.97 -22.35
C ASP B 197 9.83 16.00 -23.49
N ASP B 198 9.37 15.56 -24.65
CA ASP B 198 9.17 16.42 -25.83
C ASP B 198 7.72 16.27 -26.33
N TRP B 199 6.84 16.99 -25.65
CA TRP B 199 5.40 16.76 -25.72
C TRP B 199 4.78 16.74 -27.12
N PRO B 200 5.23 17.63 -28.03
CA PRO B 200 4.62 17.62 -29.37
C PRO B 200 4.87 16.34 -30.18
N LEU B 201 5.89 15.57 -29.78
CA LEU B 201 6.15 14.27 -30.40
C LEU B 201 5.61 13.04 -29.63
N HIS B 202 4.90 13.27 -28.51
CA HIS B 202 4.51 12.15 -27.64
C HIS B 202 3.76 11.07 -28.41
N THR B 203 4.14 9.81 -28.19
CA THR B 203 3.53 8.66 -28.87
C THR B 203 2.66 7.84 -27.93
N ALA B 204 2.73 8.14 -26.64
CA ALA B 204 1.92 7.47 -25.60
C ALA B 204 1.83 8.33 -24.36
N VAL B 205 0.82 8.08 -23.53
CA VAL B 205 0.69 8.77 -22.23
C VAL B 205 1.55 8.17 -21.13
N GLU B 206 2.00 6.93 -21.33
CA GLU B 206 2.92 6.31 -20.39
C GLU B 206 3.81 5.27 -21.08
N PRO B 207 4.98 5.01 -20.52
CA PRO B 207 5.96 4.19 -21.15
C PRO B 207 5.51 2.78 -21.54
N ASN B 208 6.16 2.37 -22.61
CA ASN B 208 5.84 1.31 -23.48
C ASN B 208 4.75 1.77 -24.43
N PRO B 209 5.15 2.48 -25.51
CA PRO B 209 4.25 2.87 -26.59
C PRO B 209 3.99 1.77 -27.60
N GLY B 210 2.92 1.92 -28.38
CA GLY B 210 2.58 0.93 -29.37
C GLY B 210 1.07 0.81 -29.56
N GLN B 211 0.65 0.74 -30.81
CA GLN B 211 -0.77 0.59 -31.11
C GLN B 211 -0.92 -0.28 -32.32
N LEU B 212 -2.03 -0.99 -32.39
CA LEU B 212 -2.29 -1.81 -33.54
C LEU B 212 -2.37 -0.90 -34.78
N ASP B 213 -1.84 -1.38 -35.89
CA ASP B 213 -1.94 -0.64 -37.13
C ASP B 213 -3.35 -0.86 -37.70
N ILE B 214 -4.16 0.17 -37.58
CA ILE B 214 -5.57 0.12 -37.91
C ILE B 214 -5.82 -0.13 -39.39
N ILE B 215 -4.92 0.34 -40.26
CA ILE B 215 -5.09 0.22 -41.72
C ILE B 215 -4.50 -1.08 -42.26
N TYR B 216 -3.35 -1.46 -41.75
CA TYR B 216 -2.70 -2.70 -42.13
C TYR B 216 -3.77 -3.80 -42.13
N ASN B 217 -3.99 -4.39 -43.30
CA ASN B 217 -5.09 -5.31 -43.55
C ASN B 217 -5.04 -6.52 -42.62
N LYS B 218 -3.86 -7.10 -42.49
CA LYS B 218 -3.64 -8.32 -41.71
C LYS B 218 -3.88 -8.16 -40.18
N THR B 219 -3.89 -6.93 -39.66
CA THR B 219 -4.19 -6.71 -38.25
C THR B 219 -5.47 -7.46 -37.84
N TYR B 220 -6.48 -7.39 -38.70
CA TYR B 220 -7.78 -7.94 -38.40
C TYR B 220 -7.79 -9.46 -38.50
N GLU B 221 -6.86 -10.02 -39.25
CA GLU B 221 -6.71 -11.47 -39.31
C GLU B 221 -6.19 -11.99 -37.95
N VAL B 222 -5.17 -11.32 -37.43
CA VAL B 222 -4.52 -11.77 -36.21
C VAL B 222 -5.42 -11.51 -35.00
N VAL B 223 -6.00 -10.30 -34.90
CA VAL B 223 -6.92 -10.03 -33.77
C VAL B 223 -8.10 -11.01 -33.77
N GLY B 224 -8.66 -11.27 -34.96
CA GLY B 224 -9.81 -12.18 -35.12
C GLY B 224 -9.48 -13.55 -34.60
N ASN B 225 -8.28 -14.03 -34.91
CA ASN B 225 -7.81 -15.33 -34.43
C ASN B 225 -7.48 -15.40 -32.93
N VAL B 226 -6.97 -14.31 -32.35
CA VAL B 226 -6.74 -14.26 -30.91
C VAL B 226 -8.07 -14.16 -30.16
N TYR B 227 -8.92 -13.26 -30.63
CA TYR B 227 -10.23 -12.99 -30.01
C TYR B 227 -11.08 -14.25 -29.98
N LYS B 228 -11.04 -14.98 -31.08
CA LYS B 228 -11.85 -16.16 -31.23
C LYS B 228 -11.39 -17.22 -30.25
N GLU B 229 -10.08 -17.44 -30.17
CA GLU B 229 -9.58 -18.47 -29.29
C GLU B 229 -9.84 -18.12 -27.83
N LEU B 230 -9.74 -16.83 -27.51
CA LEU B 230 -10.00 -16.38 -26.14
C LEU B 230 -11.49 -16.42 -25.81
N SER B 231 -12.32 -16.03 -26.78
CA SER B 231 -13.78 -16.10 -26.59
C SER B 231 -14.21 -17.49 -26.23
N ASP B 232 -13.60 -18.48 -26.85
CA ASP B 232 -13.94 -19.89 -26.58
C ASP B 232 -13.61 -20.34 -25.18
N ILE B 233 -12.58 -19.80 -24.54
CA ILE B 233 -12.22 -20.25 -23.17
C ILE B 233 -12.86 -19.42 -22.03
N PHE B 234 -13.42 -18.27 -22.34
CA PHE B 234 -14.13 -17.45 -21.36
C PHE B 234 -15.63 -17.56 -21.65
N PRO B 235 -16.41 -18.17 -20.74
CA PRO B 235 -17.82 -18.48 -21.02
C PRO B 235 -18.80 -17.33 -20.89
N ASP B 236 -18.41 -16.25 -20.22
CA ASP B 236 -19.31 -15.13 -20.09
C ASP B 236 -19.67 -14.58 -21.47
N HIS B 237 -20.94 -14.23 -21.67
CA HIS B 237 -21.35 -13.59 -22.91
C HIS B 237 -20.74 -12.22 -23.15
N TRP B 238 -20.17 -11.61 -22.10
CA TRP B 238 -19.58 -10.30 -22.22
C TRP B 238 -18.08 -10.41 -22.45
N PHE B 239 -17.55 -9.53 -23.30
CA PHE B 239 -16.13 -9.46 -23.62
C PHE B 239 -15.76 -8.00 -23.76
N HIS B 240 -14.64 -7.61 -23.15
CA HIS B 240 -14.17 -6.24 -23.17
C HIS B 240 -13.06 -6.10 -24.23
N VAL B 241 -13.28 -5.23 -25.22
CA VAL B 241 -12.33 -5.07 -26.33
C VAL B 241 -11.55 -3.78 -26.26
N GLY B 242 -11.77 -3.01 -25.22
CA GLY B 242 -10.85 -1.92 -24.87
C GLY B 242 -11.34 -0.59 -25.42
N GLY B 243 -10.49 0.05 -26.22
CA GLY B 243 -10.80 1.34 -26.87
C GLY B 243 -10.33 2.61 -26.20
N ASP B 244 -9.52 2.48 -25.13
CA ASP B 244 -9.02 3.65 -24.43
C ASP B 244 -7.79 4.23 -25.06
N GLU B 245 -7.68 5.56 -24.99
CA GLU B 245 -6.41 6.26 -25.18
C GLU B 245 -5.70 5.97 -26.51
N ILE B 246 -6.39 6.16 -27.61
CA ILE B 246 -5.75 6.12 -28.92
C ILE B 246 -4.88 7.38 -29.04
N GLN B 247 -3.61 7.19 -29.38
CA GLN B 247 -2.66 8.31 -29.53
C GLN B 247 -2.44 8.61 -31.01
N PRO B 248 -2.80 9.82 -31.46
CA PRO B 248 -2.67 10.06 -32.91
C PRO B 248 -1.23 9.98 -33.41
N ASN B 249 -0.31 10.55 -32.65
CA ASN B 249 1.11 10.58 -32.98
C ASN B 249 1.76 9.22 -33.27
N CYS B 250 1.23 8.18 -32.69
CA CYS B 250 1.84 6.88 -32.88
C CYS B 250 1.72 6.40 -34.34
N PHE B 251 0.62 6.75 -35.01
CA PHE B 251 0.38 6.24 -36.34
C PHE B 251 1.27 6.91 -37.38
N ASN B 252 1.93 7.99 -37.01
CA ASN B 252 2.94 8.60 -37.87
C ASN B 252 4.14 7.67 -38.17
N PHE B 253 4.28 6.60 -37.37
CA PHE B 253 5.26 5.55 -37.61
C PHE B 253 4.75 4.46 -38.56
N SER B 254 3.46 4.45 -38.84
CA SER B 254 2.90 3.52 -39.82
C SER B 254 2.91 4.17 -41.19
N THR B 255 3.62 3.55 -42.12
CA THR B 255 3.55 3.99 -43.51
C THR B 255 2.10 3.81 -43.95
N HIS B 256 1.52 2.66 -43.61
CA HIS B 256 0.14 2.32 -43.98
C HIS B 256 -0.86 3.40 -43.62
N VAL B 257 -0.75 3.97 -42.42
CA VAL B 257 -1.69 5.03 -42.03
C VAL B 257 -1.28 6.36 -42.66
N THR B 258 0.02 6.62 -42.74
CA THR B 258 0.50 7.84 -43.39
C THR B 258 -0.05 7.93 -44.82
N LYS B 259 -0.03 6.79 -45.55
CA LYS B 259 -0.56 6.74 -46.94
C LYS B 259 -2.06 6.94 -46.99
N TRP B 260 -2.75 6.31 -46.04
CA TRP B 260 -4.19 6.43 -45.90
C TRP B 260 -4.67 7.85 -45.69
N PHE B 261 -3.94 8.62 -44.90
CA PHE B 261 -4.24 10.04 -44.74
C PHE B 261 -3.88 10.82 -46.00
N ALA B 262 -2.76 10.45 -46.63
CA ALA B 262 -2.31 11.12 -47.85
C ALA B 262 -3.30 10.92 -49.00
N GLU B 263 -3.81 9.70 -49.16
CA GLU B 263 -4.68 9.40 -50.31
C GLU B 263 -6.03 10.12 -50.26
N ASP B 264 -6.42 10.63 -49.09
CA ASP B 264 -7.57 11.51 -48.95
C ASP B 264 -7.37 12.50 -47.78
N PRO B 265 -6.82 13.68 -48.06
CA PRO B 265 -6.40 14.59 -46.98
C PRO B 265 -7.52 15.17 -46.09
N SER B 266 -8.77 14.95 -46.43
CA SER B 266 -9.87 15.45 -45.58
C SER B 266 -10.02 14.61 -44.31
N ARG B 267 -9.43 13.41 -44.32
CA ARG B 267 -9.54 12.45 -43.20
C ARG B 267 -8.93 12.96 -41.90
N THR B 268 -9.62 12.66 -40.79
CA THR B 268 -9.14 12.97 -39.43
C THR B 268 -9.02 11.70 -38.60
N TYR B 269 -8.46 11.83 -37.40
CA TYR B 269 -8.31 10.67 -36.51
C TYR B 269 -9.63 10.11 -36.04
N HIS B 270 -10.67 10.94 -36.10
CA HIS B 270 -12.06 10.48 -35.93
C HIS B 270 -12.41 9.42 -36.96
N ASP B 271 -11.98 9.63 -38.21
CA ASP B 271 -12.23 8.67 -39.28
C ASP B 271 -11.42 7.40 -39.05
N LEU B 272 -10.19 7.59 -38.59
CA LEU B 272 -9.28 6.48 -38.31
C LEU B 272 -9.84 5.63 -37.18
N ALA B 273 -10.29 6.29 -36.12
CA ALA B 273 -11.00 5.60 -35.08
C ALA B 273 -12.25 4.87 -35.64
N GLN B 274 -12.99 5.53 -36.53
CA GLN B 274 -14.19 4.91 -37.14
C GLN B 274 -13.84 3.72 -38.02
N TYR B 275 -12.69 3.79 -38.67
CA TYR B 275 -12.24 2.68 -39.49
C TYR B 275 -12.08 1.43 -38.62
N TRP B 276 -11.52 1.59 -37.43
CA TRP B 276 -11.33 0.48 -36.50
C TRP B 276 -12.68 -0.03 -36.05
N VAL B 277 -13.58 0.89 -35.72
CA VAL B 277 -14.92 0.51 -35.28
C VAL B 277 -15.67 -0.29 -36.35
N ASP B 278 -15.53 0.09 -37.62
CA ASP B 278 -16.28 -0.58 -38.71
C ASP B 278 -15.72 -1.93 -39.08
N HIS B 279 -14.43 -2.11 -38.88
CA HIS B 279 -13.78 -3.38 -39.20
C HIS B 279 -13.63 -4.33 -38.00
N ALA B 280 -13.28 -3.79 -36.84
CA ALA B 280 -13.11 -4.61 -35.64
C ALA B 280 -14.45 -5.06 -35.05
N VAL B 281 -15.35 -4.12 -34.82
CA VAL B 281 -16.57 -4.44 -34.08
C VAL B 281 -17.38 -5.61 -34.67
N PRO B 282 -17.60 -5.65 -36.01
CA PRO B 282 -18.37 -6.76 -36.59
C PRO B 282 -17.72 -8.11 -36.35
N ILE B 283 -16.39 -8.15 -36.39
CA ILE B 283 -15.66 -9.38 -36.06
C ILE B 283 -15.95 -9.76 -34.59
N PHE B 284 -15.84 -8.79 -33.70
CA PHE B 284 -16.09 -9.02 -32.30
C PHE B 284 -17.53 -9.45 -32.05
N GLN B 285 -18.47 -8.64 -32.54
CA GLN B 285 -19.91 -8.87 -32.34
C GLN B 285 -20.39 -10.21 -32.92
N ASN B 286 -19.74 -10.70 -33.96
CA ASN B 286 -20.13 -11.92 -34.66
C ASN B 286 -19.75 -13.27 -33.99
N TYR B 287 -19.04 -13.24 -32.84
CA TYR B 287 -18.62 -14.47 -32.16
C TYR B 287 -19.79 -15.38 -31.83
N SER B 288 -20.87 -14.75 -31.38
CA SER B 288 -22.08 -15.44 -31.02
C SER B 288 -23.16 -14.42 -30.92
N GLN B 289 -24.39 -14.91 -30.88
CA GLN B 289 -25.60 -14.08 -30.93
C GLN B 289 -25.75 -13.37 -29.60
N GLU B 290 -25.37 -14.04 -28.51
CA GLU B 290 -25.54 -13.51 -27.14
C GLU B 290 -24.42 -12.54 -26.74
N ARG B 291 -23.39 -12.42 -27.57
CA ARG B 291 -22.22 -11.61 -27.24
C ARG B 291 -22.54 -10.13 -27.05
N ARG B 292 -22.15 -9.58 -25.90
CA ARG B 292 -22.19 -8.14 -25.65
C ARG B 292 -20.75 -7.69 -25.46
N LEU B 293 -20.42 -6.55 -26.06
CA LEU B 293 -19.08 -5.99 -25.92
C LEU B 293 -19.06 -4.89 -24.87
N VAL B 294 -17.91 -4.70 -24.27
CA VAL B 294 -17.67 -3.54 -23.45
C VAL B 294 -16.48 -2.81 -24.01
N MET B 295 -16.52 -1.49 -23.98
CA MET B 295 -15.42 -0.69 -24.43
C MET B 295 -15.26 0.47 -23.47
N TRP B 296 -14.03 1.01 -23.39
CA TRP B 296 -13.75 2.24 -22.66
C TRP B 296 -14.46 3.37 -23.38
N GLU B 297 -14.93 4.36 -22.61
CA GLU B 297 -15.71 5.47 -23.17
C GLU B 297 -14.97 6.28 -24.24
N ASP B 298 -13.64 6.19 -24.25
CA ASP B 298 -12.77 7.00 -25.12
C ASP B 298 -13.18 6.91 -26.59
N ILE B 299 -13.61 5.72 -27.01
CA ILE B 299 -13.92 5.49 -28.42
C ILE B 299 -15.09 6.39 -28.87
N ALA B 300 -16.06 6.61 -27.99
CA ALA B 300 -17.26 7.41 -28.31
C ALA B 300 -17.26 8.80 -27.69
N LEU B 301 -16.21 9.15 -26.97
CA LEU B 301 -16.24 10.38 -26.21
C LEU B 301 -14.94 11.15 -26.11
N SER B 302 -13.80 10.53 -26.39
CA SER B 302 -12.52 11.26 -26.40
C SER B 302 -12.49 12.36 -27.47
N ALA B 303 -11.38 13.10 -27.51
CA ALA B 303 -11.12 14.11 -28.54
C ALA B 303 -10.96 13.50 -29.94
N ASP B 304 -10.44 12.27 -30.01
CA ASP B 304 -10.29 11.52 -31.27
C ASP B 304 -11.34 10.39 -31.37
N ASN B 305 -12.53 10.63 -30.83
CA ASN B 305 -13.61 9.64 -30.88
C ASN B 305 -13.98 9.29 -32.32
N ALA B 306 -14.44 8.06 -32.52
CA ALA B 306 -15.04 7.67 -33.79
C ALA B 306 -16.38 8.37 -33.86
N HIS B 307 -16.94 8.44 -35.06
CA HIS B 307 -18.21 9.13 -35.29
C HIS B 307 -19.41 8.40 -34.74
N ASP B 308 -19.50 7.09 -34.98
CA ASP B 308 -20.67 6.30 -34.59
C ASP B 308 -20.34 4.95 -34.00
N VAL B 309 -20.42 4.88 -32.67
CA VAL B 309 -20.20 3.65 -31.94
C VAL B 309 -21.56 3.03 -31.68
N PRO B 310 -21.77 1.78 -32.13
CA PRO B 310 -23.06 1.12 -31.97
C PRO B 310 -23.56 1.17 -30.53
N LYS B 311 -24.82 1.53 -30.34
CA LYS B 311 -25.39 1.65 -28.99
C LYS B 311 -25.54 0.27 -28.34
N ASN B 312 -25.15 -0.76 -29.07
CA ASN B 312 -24.91 -2.13 -28.57
C ASN B 312 -23.85 -2.26 -27.47
N ILE B 313 -22.86 -1.40 -27.56
CA ILE B 313 -21.63 -1.58 -26.83
C ILE B 313 -21.69 -0.78 -25.55
N VAL B 314 -21.50 -1.49 -24.44
CA VAL B 314 -21.46 -0.87 -23.14
C VAL B 314 -20.21 0.02 -22.99
N MET B 315 -20.41 1.25 -22.50
CA MET B 315 -19.34 2.20 -22.29
C MET B 315 -18.89 2.18 -20.85
N GLN B 316 -17.59 2.03 -20.63
CA GLN B 316 -17.07 2.11 -19.27
C GLN B 316 -16.51 3.51 -19.08
N SER B 317 -17.05 4.22 -18.10
CA SER B 317 -16.75 5.63 -17.91
C SER B 317 -15.74 5.86 -16.78
N TRP B 318 -14.61 6.49 -17.10
CA TRP B 318 -13.57 6.77 -16.11
C TRP B 318 -13.15 8.22 -15.97
N ASN B 319 -13.64 9.10 -16.85
CA ASN B 319 -13.23 10.50 -16.82
C ASN B 319 -14.33 11.47 -16.55
N ASN B 320 -14.00 12.60 -15.92
CA ASN B 320 -14.93 13.71 -15.76
C ASN B 320 -16.21 13.37 -14.96
N GLY B 321 -16.17 12.27 -14.20
CA GLY B 321 -17.27 11.89 -13.34
C GLY B 321 -18.64 11.92 -14.02
N LEU B 322 -19.59 12.55 -13.34
CA LEU B 322 -21.00 12.64 -13.74
C LEU B 322 -21.22 13.23 -15.12
N GLU B 323 -20.36 14.14 -15.52
CA GLU B 323 -20.48 14.78 -16.82
C GLU B 323 -20.37 13.79 -17.98
N TYR B 324 -19.48 12.83 -17.89
CA TYR B 324 -19.32 11.83 -18.94
C TYR B 324 -20.34 10.73 -18.80
N ILE B 325 -20.71 10.41 -17.56
CA ILE B 325 -21.80 9.47 -17.29
C ILE B 325 -23.16 9.97 -17.83
N SER B 326 -23.48 11.23 -17.53
CA SER B 326 -24.66 11.90 -18.04
C SER B 326 -24.64 11.97 -19.58
N ASN B 327 -23.55 12.48 -20.13
CA ASN B 327 -23.37 12.52 -21.57
C ASN B 327 -23.66 11.16 -22.21
N LEU B 328 -22.95 10.13 -21.75
CA LEU B 328 -23.08 8.79 -22.30
C LEU B 328 -24.49 8.20 -22.21
N THR B 329 -25.07 8.30 -21.02
CA THR B 329 -26.39 7.74 -20.78
C THR B 329 -27.41 8.47 -21.67
N ALA B 330 -27.28 9.79 -21.76
CA ALA B 330 -28.16 10.61 -22.59
C ALA B 330 -28.12 10.19 -24.09
N ARG B 331 -26.97 9.72 -24.57
CA ARG B 331 -26.88 9.21 -25.95
C ARG B 331 -27.39 7.77 -26.10
N GLY B 332 -27.88 7.15 -25.03
CA GLY B 332 -28.43 5.79 -25.06
C GLY B 332 -27.49 4.60 -24.80
N TYR B 333 -26.27 4.86 -24.39
CA TYR B 333 -25.32 3.78 -24.12
C TYR B 333 -25.57 3.26 -22.72
N ASP B 334 -25.41 1.96 -22.55
CA ASP B 334 -25.30 1.40 -21.21
C ASP B 334 -23.90 1.77 -20.69
N VAL B 335 -23.79 2.08 -19.41
CA VAL B 335 -22.56 2.64 -18.83
C VAL B 335 -22.19 1.85 -17.60
N ILE B 336 -20.93 1.42 -17.54
CA ILE B 336 -20.33 0.93 -16.31
C ILE B 336 -19.61 2.11 -15.71
N VAL B 337 -19.95 2.46 -14.47
CA VAL B 337 -19.30 3.57 -13.80
C VAL B 337 -17.95 3.10 -13.26
N SER B 338 -16.90 3.81 -13.65
CA SER B 338 -15.55 3.56 -13.12
C SER B 338 -14.84 4.88 -12.89
N SER B 339 -15.58 5.94 -12.60
CA SER B 339 -15.06 7.31 -12.55
C SER B 339 -13.79 7.42 -11.70
N SER B 340 -12.69 7.76 -12.35
CA SER B 340 -11.39 7.80 -11.72
C SER B 340 -11.29 8.78 -10.57
N ASP B 341 -12.15 9.78 -10.49
CA ASP B 341 -12.11 10.69 -9.36
C ASP B 341 -12.74 10.05 -8.11
N PHE B 342 -13.39 8.90 -8.26
CA PHE B 342 -13.98 8.23 -7.11
C PHE B 342 -13.50 6.81 -6.89
N LEU B 343 -13.21 6.08 -7.97
CA LEU B 343 -13.12 4.61 -7.92
C LEU B 343 -11.79 4.00 -8.39
N TYR B 344 -10.82 4.81 -8.83
CA TYR B 344 -9.53 4.27 -9.27
C TYR B 344 -8.66 3.92 -8.06
N LEU B 345 -8.42 2.63 -7.86
CA LEU B 345 -7.77 2.15 -6.63
C LEU B 345 -6.24 2.37 -6.59
N ASP B 346 -5.65 2.76 -7.72
CA ASP B 346 -4.21 2.86 -7.88
C ASP B 346 -3.62 4.26 -7.66
N CYS B 347 -4.47 5.29 -7.71
CA CYS B 347 -4.03 6.66 -7.50
C CYS B 347 -3.42 6.83 -6.14
N GLY B 348 -2.57 7.85 -6.01
CA GLY B 348 -2.04 8.27 -4.72
C GLY B 348 -0.74 7.61 -4.34
N HIS B 349 -0.10 6.92 -5.28
CA HIS B 349 1.25 6.35 -5.06
C HIS B 349 2.29 7.03 -5.92
N GLY B 350 2.04 8.30 -6.20
CA GLY B 350 2.92 9.11 -7.06
C GLY B 350 3.13 8.54 -8.46
N GLY B 351 4.18 8.99 -9.14
CA GLY B 351 4.49 8.52 -10.47
C GLY B 351 5.47 7.38 -10.38
N PHE B 352 5.49 6.58 -11.45
CA PHE B 352 6.44 5.47 -11.55
C PHE B 352 7.57 5.74 -12.56
N VAL B 353 7.38 6.73 -13.42
CA VAL B 353 8.38 7.03 -14.44
C VAL B 353 9.62 7.53 -13.76
N THR B 354 10.74 7.11 -14.33
CA THR B 354 12.04 7.28 -13.72
C THR B 354 12.71 8.49 -14.33
N ASN B 355 13.87 8.86 -13.79
CA ASN B 355 14.57 10.08 -14.21
C ASN B 355 13.63 11.26 -14.24
N ASP B 356 12.98 11.53 -13.13
CA ASP B 356 11.94 12.58 -13.07
C ASP B 356 12.39 13.73 -12.18
N PRO B 357 12.72 14.89 -12.77
CA PRO B 357 13.15 16.03 -11.97
C PRO B 357 12.06 16.73 -11.18
N ARG B 358 10.80 16.38 -11.42
CA ARG B 358 9.69 17.07 -10.76
C ARG B 358 9.69 16.81 -9.26
N TYR B 359 10.35 15.73 -8.81
CA TYR B 359 10.48 15.43 -7.39
C TYR B 359 11.58 16.30 -6.73
N ASN B 360 12.50 16.78 -7.54
CA ASN B 360 13.71 17.39 -7.05
C ASN B 360 13.51 18.87 -6.69
N VAL B 361 12.70 19.12 -5.66
CA VAL B 361 12.35 20.48 -5.23
C VAL B 361 12.55 20.57 -3.72
N MET B 362 13.58 21.31 -3.30
CA MET B 362 14.04 21.26 -1.92
C MET B 362 13.28 22.16 -0.95
N ALA B 363 12.35 22.94 -1.49
CA ALA B 363 11.49 23.76 -0.65
C ALA B 363 10.17 24.08 -1.37
N ASN B 364 9.13 24.31 -0.58
CA ASN B 364 7.82 24.59 -1.15
C ASN B 364 7.90 25.81 -2.03
N PRO B 365 7.68 25.64 -3.35
CA PRO B 365 7.82 26.77 -4.25
C PRO B 365 6.61 27.73 -4.21
N ASP B 366 5.49 27.29 -3.64
CA ASP B 366 4.27 28.12 -3.52
C ASP B 366 3.37 27.58 -2.39
N ALA B 367 3.57 28.09 -1.19
CA ALA B 367 2.83 27.66 0.01
C ALA B 367 1.34 28.00 -0.06
N ASN B 368 1.00 29.03 -0.85
CA ASN B 368 -0.40 29.45 -1.03
C ASN B 368 -1.32 28.46 -1.71
N THR B 369 -0.76 27.44 -2.36
CA THR B 369 -1.57 26.43 -3.07
C THR B 369 -0.89 25.08 -3.10
N PRO B 370 -1.70 24.00 -3.15
CA PRO B 370 -1.08 22.69 -3.26
C PRO B 370 -0.39 22.53 -4.59
N ASN B 371 0.88 22.12 -4.56
CA ASN B 371 1.69 21.93 -5.76
C ASN B 371 2.37 20.55 -5.73
N PHE B 372 3.15 20.24 -6.77
CA PHE B 372 3.58 18.84 -7.06
C PHE B 372 4.00 18.04 -5.80
N ASN B 373 4.99 18.54 -5.07
CA ASN B 373 5.57 17.86 -3.92
C ASN B 373 5.01 18.32 -2.57
N TYR B 374 4.12 19.32 -2.59
CA TYR B 374 3.65 19.94 -1.34
C TYR B 374 2.15 20.10 -1.41
N GLY B 375 1.43 19.07 -0.99
CA GLY B 375 -0.04 19.06 -1.00
C GLY B 375 -0.67 18.72 -2.35
N GLY B 376 0.12 18.60 -3.41
CA GLY B 376 -0.44 18.21 -4.74
C GLY B 376 -0.28 16.73 -5.05
N ASN B 377 -0.18 16.37 -6.32
CA ASN B 377 -0.38 15.00 -6.79
C ASN B 377 0.82 14.05 -6.75
N GLY B 378 2.00 14.58 -6.60
CA GLY B 378 3.16 13.74 -6.36
C GLY B 378 3.50 12.82 -7.52
N GLY B 379 3.00 13.15 -8.70
CA GLY B 379 3.32 12.36 -9.89
C GLY B 379 2.24 11.39 -10.30
N SER B 380 1.17 11.26 -9.50
CA SER B 380 0.03 10.41 -9.84
C SER B 380 -1.11 11.26 -10.43
N TRP B 381 -1.37 11.07 -11.71
CA TRP B 381 -2.30 11.97 -12.44
C TRP B 381 -3.70 12.03 -11.83
N CYS B 382 -4.12 10.97 -11.13
CA CYS B 382 -5.44 10.92 -10.52
C CYS B 382 -5.46 11.16 -8.98
N ALA B 383 -4.39 11.73 -8.46
CA ALA B 383 -4.32 11.92 -7.01
C ALA B 383 -5.46 12.82 -6.55
N PRO B 384 -5.85 12.72 -5.26
CA PRO B 384 -5.30 11.83 -4.22
C PRO B 384 -5.80 10.36 -4.26
N TYR B 385 -5.18 9.57 -3.39
CA TYR B 385 -5.65 8.23 -3.06
C TYR B 385 -7.14 8.27 -2.68
N LYS B 386 -7.91 7.33 -3.19
CA LYS B 386 -9.35 7.27 -2.89
C LYS B 386 -9.62 6.43 -1.64
N THR B 387 -10.02 7.09 -0.57
CA THR B 387 -10.34 6.39 0.66
C THR B 387 -11.66 5.63 0.48
N TRP B 388 -11.93 4.76 1.44
CA TRP B 388 -13.18 4.03 1.47
C TRP B 388 -14.39 4.96 1.49
N GLN B 389 -14.26 6.08 2.18
CA GLN B 389 -15.33 7.09 2.29
C GLN B 389 -15.58 7.82 0.99
N ARG B 390 -14.52 8.22 0.33
CA ARG B 390 -14.62 8.82 -0.99
C ARG B 390 -15.35 7.87 -1.94
N ILE B 391 -15.06 6.60 -1.86
CA ILE B 391 -15.70 5.61 -2.75
C ILE B 391 -17.19 5.48 -2.41
N TYR B 392 -17.49 5.25 -1.14
CA TYR B 392 -18.84 5.04 -0.64
C TYR B 392 -19.74 6.25 -0.88
N ASP B 393 -19.19 7.45 -0.73
CA ASP B 393 -19.95 8.70 -0.86
C ASP B 393 -20.40 8.98 -2.30
N TYR B 394 -19.87 8.24 -3.27
CA TYR B 394 -20.11 8.54 -4.68
C TYR B 394 -21.53 8.24 -5.12
N ASP B 395 -22.30 9.31 -5.35
CA ASP B 395 -23.65 9.18 -5.85
C ASP B 395 -23.61 9.27 -7.34
N PHE B 396 -23.36 8.15 -8.01
CA PHE B 396 -23.16 8.21 -9.46
C PHE B 396 -24.42 8.40 -10.30
N THR B 397 -25.60 8.42 -9.69
CA THR B 397 -26.81 8.73 -10.45
C THR B 397 -27.34 10.14 -10.17
N LEU B 398 -26.55 10.97 -9.48
CA LEU B 398 -26.95 12.33 -9.14
C LEU B 398 -27.13 13.22 -10.39
N ASN B 399 -28.30 13.84 -10.47
CA ASN B 399 -28.73 14.70 -11.60
C ASN B 399 -29.02 13.97 -12.90
N LEU B 400 -28.98 12.64 -12.87
CA LEU B 400 -29.45 11.87 -14.01
C LEU B 400 -30.98 11.78 -13.97
N THR B 401 -31.62 11.87 -15.13
CA THR B 401 -33.06 11.59 -15.21
C THR B 401 -33.32 10.13 -14.91
N GLU B 402 -34.59 9.78 -14.76
CA GLU B 402 -34.98 8.40 -14.49
C GLU B 402 -34.55 7.45 -15.63
N THR B 403 -34.38 7.99 -16.84
CA THR B 403 -34.08 7.19 -18.03
C THR B 403 -32.58 7.04 -18.25
N GLN B 404 -31.85 8.13 -18.06
CA GLN B 404 -30.39 8.06 -17.95
C GLN B 404 -29.95 7.01 -16.92
N ALA B 405 -30.48 7.10 -15.71
CA ALA B 405 -30.09 6.23 -14.58
C ALA B 405 -30.33 4.77 -14.84
N LYS B 406 -31.25 4.48 -15.76
CA LYS B 406 -31.59 3.12 -16.11
C LYS B 406 -30.51 2.54 -16.98
N HIS B 407 -29.76 3.40 -17.66
CA HIS B 407 -28.63 2.97 -18.48
C HIS B 407 -27.38 2.65 -17.66
N ILE B 408 -27.36 3.01 -16.37
CA ILE B 408 -26.25 2.61 -15.47
C ILE B 408 -26.45 1.16 -15.10
N ILE B 409 -25.52 0.28 -15.47
CA ILE B 409 -25.67 -1.14 -15.16
C ILE B 409 -24.86 -1.60 -13.94
N GLY B 410 -23.99 -0.74 -13.48
CA GLY B 410 -23.21 -1.00 -12.28
C GLY B 410 -21.86 -0.29 -12.32
N ALA B 411 -20.91 -0.81 -11.57
CA ALA B 411 -19.61 -0.16 -11.46
C ALA B 411 -18.44 -1.12 -11.35
N THR B 412 -17.26 -0.56 -11.59
CA THR B 412 -16.04 -1.32 -11.54
C THR B 412 -14.95 -0.41 -10.99
N ALA B 413 -14.37 -0.78 -9.86
CA ALA B 413 -13.18 -0.12 -9.32
C ALA B 413 -11.94 -0.74 -9.95
N PRO B 414 -11.24 -0.01 -10.84
CA PRO B 414 -10.02 -0.61 -11.38
C PRO B 414 -8.76 -0.39 -10.49
N LEU B 415 -7.85 -1.35 -10.59
CA LEU B 415 -6.55 -1.31 -9.94
C LEU B 415 -5.52 -1.52 -11.03
N TRP B 416 -5.06 -0.43 -11.61
CA TRP B 416 -4.05 -0.50 -12.65
C TRP B 416 -2.76 -0.89 -11.98
N GLY B 417 -1.92 -1.62 -12.70
CA GLY B 417 -0.87 -2.44 -12.08
C GLY B 417 0.57 -1.98 -12.12
N GLU B 418 0.78 -0.69 -12.38
CA GLU B 418 2.12 -0.15 -12.53
C GLU B 418 2.99 -0.41 -11.27
N GLN B 419 2.34 -0.34 -10.11
CA GLN B 419 2.97 -0.48 -8.82
C GLN B 419 2.16 -1.47 -7.98
N VAL B 420 1.69 -2.52 -8.64
CA VAL B 420 0.90 -3.57 -8.01
C VAL B 420 1.35 -4.91 -8.54
N ASP B 421 1.62 -5.85 -7.62
CA ASP B 421 1.79 -7.27 -7.96
C ASP B 421 1.40 -8.11 -6.76
N ASP B 422 1.77 -9.39 -6.68
CA ASP B 422 1.34 -10.21 -5.54
C ASP B 422 1.47 -9.49 -4.19
N ILE B 423 2.58 -8.79 -3.98
CA ILE B 423 2.86 -8.22 -2.68
C ILE B 423 1.69 -7.34 -2.19
N ASN B 424 1.16 -6.42 -3.02
CA ASN B 424 0.20 -5.45 -2.53
C ASN B 424 -1.16 -5.45 -3.20
N VAL B 425 -1.39 -6.39 -4.12
CA VAL B 425 -2.65 -6.41 -4.86
C VAL B 425 -3.82 -6.45 -3.88
N SER B 426 -3.71 -7.28 -2.85
CA SER B 426 -4.85 -7.45 -1.95
C SER B 426 -5.04 -6.24 -1.05
N SER B 427 -3.96 -5.54 -0.69
CA SER B 427 -4.11 -4.39 0.19
C SER B 427 -4.54 -3.13 -0.54
N MET B 428 -4.31 -3.08 -1.84
CA MET B 428 -4.87 -2.03 -2.67
C MET B 428 -6.35 -2.27 -3.01
N PHE B 429 -6.75 -3.51 -3.34
CA PHE B 429 -8.19 -3.80 -3.53
C PHE B 429 -8.99 -3.63 -2.24
N TRP B 430 -8.48 -4.18 -1.13
CA TRP B 430 -9.32 -4.38 0.05
C TRP B 430 -8.84 -3.59 1.25
N PRO B 431 -9.76 -3.07 2.04
CA PRO B 431 -11.19 -3.29 1.99
C PRO B 431 -11.94 -2.24 1.20
N ARG B 432 -11.23 -1.44 0.40
CA ARG B 432 -11.90 -0.38 -0.31
C ARG B 432 -12.95 -0.93 -1.30
N ALA B 433 -12.61 -2.04 -1.95
CA ALA B 433 -13.50 -2.68 -2.88
C ALA B 433 -14.83 -3.02 -2.20
N ALA B 434 -14.81 -3.35 -0.91
CA ALA B 434 -16.02 -3.67 -0.18
C ALA B 434 -16.96 -2.46 -0.01
N ALA B 435 -16.39 -1.26 -0.03
CA ALA B 435 -17.19 -0.07 0.02
C ALA B 435 -17.95 0.11 -1.27
N LEU B 436 -17.30 -0.19 -2.40
CA LEU B 436 -17.98 -0.12 -3.68
C LEU B 436 -19.00 -1.26 -3.69
N ALA B 437 -18.59 -2.41 -3.16
CA ALA B 437 -19.46 -3.55 -3.14
C ALA B 437 -20.84 -3.16 -2.58
N GLU B 438 -20.85 -2.52 -1.41
CA GLU B 438 -22.12 -2.10 -0.79
C GLU B 438 -22.82 -1.05 -1.59
N LEU B 439 -22.06 -0.11 -2.13
CA LEU B 439 -22.63 0.94 -2.94
C LEU B 439 -23.51 0.42 -4.10
N VAL B 440 -23.01 -0.55 -4.85
CA VAL B 440 -23.75 -1.10 -5.97
C VAL B 440 -24.67 -2.28 -5.61
N TRP B 441 -24.56 -2.80 -4.40
CA TRP B 441 -25.48 -3.85 -3.93
C TRP B 441 -26.72 -3.26 -3.25
N SER B 442 -26.51 -2.55 -2.14
CA SER B 442 -27.61 -1.95 -1.38
C SER B 442 -27.53 -0.44 -1.22
N GLY B 443 -26.59 0.22 -1.88
CA GLY B 443 -26.51 1.67 -1.89
C GLY B 443 -25.82 2.29 -0.68
N ASN B 444 -25.72 3.61 -0.68
CA ASN B 444 -25.07 4.35 0.42
C ASN B 444 -26.07 5.15 1.27
N ARG B 445 -27.34 4.78 1.18
CA ARG B 445 -28.41 5.46 1.89
C ARG B 445 -29.15 4.56 2.86
N ASP B 446 -29.55 5.14 3.99
CA ASP B 446 -30.39 4.45 4.96
C ASP B 446 -31.84 4.48 4.49
N ALA B 447 -32.71 3.82 5.24
CA ALA B 447 -34.15 3.73 4.91
C ALA B 447 -34.85 5.06 4.62
N ASN B 448 -34.39 6.14 5.26
CA ASN B 448 -34.99 7.47 5.09
C ASN B 448 -34.37 8.28 3.97
N GLY B 449 -33.46 7.64 3.20
CA GLY B 449 -32.84 8.29 2.06
C GLY B 449 -31.63 9.13 2.38
N ASN B 450 -31.19 9.13 3.65
CA ASN B 450 -30.02 9.94 4.07
C ASN B 450 -28.71 9.14 4.01
N LYS B 451 -27.62 9.79 3.64
CA LYS B 451 -26.38 9.09 3.42
C LYS B 451 -25.84 8.55 4.74
N ARG B 452 -25.56 7.25 4.76
CA ARG B 452 -25.23 6.51 5.97
C ARG B 452 -23.73 6.13 6.03
N THR B 453 -22.88 6.93 5.37
CA THR B 453 -21.45 6.75 5.49
C THR B 453 -20.97 6.51 6.93
N THR B 454 -21.55 7.21 7.87
CA THR B 454 -21.10 7.11 9.26
C THR B 454 -21.47 5.75 9.84
N GLU B 455 -22.57 5.20 9.36
CA GLU B 455 -22.99 3.86 9.77
C GLU B 455 -22.10 2.79 9.10
N MET B 456 -21.67 3.05 7.88
CA MET B 456 -20.82 2.12 7.19
C MET B 456 -19.49 1.88 7.92
N THR B 457 -19.03 2.91 8.67
CA THR B 457 -17.73 2.86 9.35
C THR B 457 -17.50 1.55 10.09
N GLN B 458 -18.36 1.21 11.04
CA GLN B 458 -18.12 0.03 11.86
C GLN B 458 -18.30 -1.24 11.04
N ARG B 459 -19.21 -1.21 10.08
CA ARG B 459 -19.46 -2.37 9.25
C ARG B 459 -18.19 -2.66 8.43
N ILE B 460 -17.64 -1.63 7.78
CA ILE B 460 -16.45 -1.88 6.95
C ILE B 460 -15.21 -2.12 7.78
N LEU B 461 -15.17 -1.57 9.01
CA LEU B 461 -14.03 -1.86 9.87
C LEU B 461 -14.06 -3.32 10.33
N ASN B 462 -15.23 -3.80 10.71
CA ASN B 462 -15.41 -5.18 11.05
C ASN B 462 -15.14 -6.13 9.81
N PHE B 463 -15.71 -5.77 8.68
CA PHE B 463 -15.53 -6.58 7.50
C PHE B 463 -14.06 -6.72 7.11
N ARG B 464 -13.27 -5.68 7.35
CA ARG B 464 -11.85 -5.74 7.04
C ARG B 464 -11.18 -6.86 7.82
N GLU B 465 -11.53 -6.96 9.08
CA GLU B 465 -10.97 -8.00 9.92
C GLU B 465 -11.50 -9.35 9.47
N TYR B 466 -12.76 -9.38 9.05
CA TYR B 466 -13.36 -10.60 8.53
C TYR B 466 -12.59 -11.05 7.28
N LEU B 467 -12.30 -10.11 6.38
CA LEU B 467 -11.47 -10.40 5.24
C LEU B 467 -10.13 -11.03 5.66
N VAL B 468 -9.42 -10.41 6.60
CA VAL B 468 -8.13 -10.92 7.03
C VAL B 468 -8.30 -12.33 7.60
N ALA B 469 -9.33 -12.57 8.40
CA ALA B 469 -9.56 -13.90 8.92
C ALA B 469 -9.88 -14.94 7.83
N ASN B 470 -10.43 -14.51 6.70
CA ASN B 470 -10.67 -15.41 5.58
C ASN B 470 -9.50 -15.47 4.63
N GLY B 471 -8.34 -14.99 5.02
CA GLY B 471 -7.16 -15.13 4.17
C GLY B 471 -7.00 -14.00 3.17
N VAL B 472 -7.89 -13.02 3.17
CA VAL B 472 -7.76 -11.88 2.26
C VAL B 472 -6.98 -10.74 2.95
N GLN B 473 -5.80 -10.44 2.43
CA GLN B 473 -4.87 -9.51 3.07
C GLN B 473 -5.25 -8.03 2.85
N ALA B 474 -6.34 -7.64 3.49
CA ALA B 474 -6.87 -6.32 3.30
C ALA B 474 -6.18 -5.34 4.27
N GLN B 475 -6.10 -4.09 3.87
CA GLN B 475 -5.34 -3.10 4.60
C GLN B 475 -6.04 -2.61 5.84
N ALA B 476 -5.24 -2.24 6.83
CA ALA B 476 -5.80 -1.55 7.98
C ALA B 476 -6.33 -0.21 7.49
N LEU B 477 -7.42 0.25 8.11
CA LEU B 477 -8.03 1.56 7.80
C LEU B 477 -7.85 2.62 8.90
N VAL B 478 -7.88 2.17 10.15
CA VAL B 478 -7.77 3.03 11.29
C VAL B 478 -6.85 2.39 12.34
N PRO B 479 -6.50 3.18 13.38
CA PRO B 479 -5.99 2.54 14.59
C PRO B 479 -7.05 1.62 15.16
N LYS B 480 -6.66 0.47 15.67
CA LYS B 480 -7.62 -0.50 16.20
C LYS B 480 -8.47 0.10 17.34
N TYR B 481 -7.95 1.12 18.01
CA TYR B 481 -8.73 1.84 19.04
C TYR B 481 -10.10 2.25 18.50
N CYS B 482 -10.13 2.76 17.28
CA CYS B 482 -11.37 3.16 16.65
C CYS B 482 -12.38 2.04 16.46
N LEU B 483 -11.88 0.82 16.30
CA LEU B 483 -12.75 -0.33 16.20
C LEU B 483 -13.40 -0.55 17.54
N GLN B 484 -12.57 -0.52 18.57
CA GLN B 484 -13.01 -0.91 19.92
C GLN B 484 -13.80 0.20 20.62
N HIS B 485 -13.74 1.43 20.09
CA HIS B 485 -14.50 2.58 20.61
C HIS B 485 -15.26 3.25 19.47
N PRO B 486 -16.48 2.78 19.20
CA PRO B 486 -17.22 3.20 18.00
C PRO B 486 -17.38 4.68 17.94
N HIS B 487 -17.05 5.29 16.80
CA HIS B 487 -17.23 6.71 16.54
C HIS B 487 -16.24 7.61 17.29
N ALA B 488 -15.36 6.99 18.07
CA ALA B 488 -14.34 7.77 18.78
C ALA B 488 -13.49 8.54 17.79
N CYS B 489 -13.34 7.99 16.58
CA CYS B 489 -12.47 8.59 15.55
C CYS B 489 -13.19 9.44 14.51
N ASP B 490 -14.47 9.74 14.74
CA ASP B 490 -15.21 10.62 13.85
C ASP B 490 -14.68 12.08 13.89
N LEU B 491 -14.54 12.69 12.73
CA LEU B 491 -14.15 14.10 12.64
C LEU B 491 -15.28 14.97 13.24
N TYR B 492 -16.49 14.76 12.75
CA TYR B 492 -17.69 15.46 13.25
C TYR B 492 -18.48 14.59 14.23
N ARG B 493 -18.70 15.11 15.43
CA ARG B 493 -19.49 14.43 16.46
C ARG B 493 -20.95 14.39 16.00
N ASN B 494 -21.35 15.42 15.26
CA ASN B 494 -22.66 15.42 14.64
C ASN B 494 -22.78 14.29 13.60
N GLN B 495 -23.63 13.32 13.91
CA GLN B 495 -23.77 12.10 13.11
C GLN B 495 -24.54 12.28 11.80
N ALA B 496 -25.00 13.50 11.55
CA ALA B 496 -25.70 13.86 10.33
C ALA B 496 -24.84 14.76 9.45
N ALA B 497 -23.59 14.97 9.85
CA ALA B 497 -22.66 15.77 9.03
C ALA B 497 -22.62 15.33 7.55
N ILE B 498 -22.81 14.05 7.30
CA ILE B 498 -22.74 13.60 5.95
C ILE B 498 -24.12 13.61 5.27
N VAL C 1 29.46 -5.00 -15.49
CA VAL C 1 29.23 -5.91 -14.32
C VAL C 1 27.73 -5.79 -14.02
N GLY C 2 27.07 -6.94 -13.85
CA GLY C 2 25.61 -6.99 -13.64
C GLY C 2 25.17 -6.53 -12.26
N VAL C 3 25.85 -7.01 -11.22
CA VAL C 3 25.49 -6.70 -9.84
C VAL C 3 25.59 -5.21 -9.58
N ASN C 4 24.83 -4.73 -8.62
CA ASN C 4 24.63 -3.30 -8.42
C ASN C 4 24.24 -3.20 -6.97
N PRO C 5 25.15 -3.54 -6.08
CA PRO C 5 24.85 -3.63 -4.66
C PRO C 5 24.41 -2.33 -4.05
N LEU C 6 23.43 -2.43 -3.19
CA LEU C 6 22.81 -1.28 -2.55
C LEU C 6 23.16 -1.42 -1.07
N PRO C 7 23.67 -0.37 -0.42
CA PRO C 7 23.97 0.95 -0.99
C PRO C 7 25.20 0.95 -1.88
N ALA C 8 25.22 1.87 -2.82
CA ALA C 8 26.36 2.10 -3.65
C ALA C 8 27.54 2.27 -2.72
N PRO C 9 28.52 1.35 -2.79
CA PRO C 9 29.63 1.53 -1.86
C PRO C 9 30.45 2.77 -2.27
N ARG C 10 30.87 3.53 -1.25
CA ARG C 10 31.78 4.68 -1.41
C ARG C 10 32.75 4.56 -2.59
N GLU C 11 33.56 3.52 -2.57
CA GLU C 11 34.57 3.30 -3.58
C GLU C 11 34.45 1.85 -3.98
N ILE C 12 34.29 1.61 -5.27
CA ILE C 12 34.25 0.25 -5.78
C ILE C 12 34.91 0.27 -7.14
N SER C 13 35.81 -0.68 -7.36
CA SER C 13 36.55 -0.74 -8.60
C SER C 13 36.61 -2.18 -9.06
N TRP C 14 36.13 -2.43 -10.27
CA TRP C 14 36.04 -3.76 -10.82
C TRP C 14 37.16 -3.97 -11.83
N GLY C 15 37.63 -5.21 -11.93
CA GLY C 15 38.71 -5.56 -12.88
C GLY C 15 38.15 -6.03 -14.20
N SER C 16 39.00 -6.66 -15.01
CA SER C 16 38.63 -7.23 -16.31
C SER C 16 39.25 -8.63 -16.55
N SER C 17 39.69 -9.26 -15.47
CA SER C 17 40.38 -10.55 -15.51
C SER C 17 39.44 -11.76 -15.73
N GLY C 18 38.13 -11.48 -15.85
CA GLY C 18 37.13 -12.51 -16.08
C GLY C 18 36.50 -12.97 -14.78
N PRO C 19 35.41 -13.75 -14.87
CA PRO C 19 34.69 -14.28 -13.71
C PRO C 19 35.54 -15.18 -12.78
N LYS C 20 35.16 -15.22 -11.51
CA LYS C 20 35.79 -16.05 -10.51
C LYS C 20 34.79 -17.04 -9.96
N SER C 21 34.96 -18.31 -10.30
CA SER C 21 34.10 -19.35 -9.77
C SER C 21 34.27 -19.52 -8.28
N ILE C 22 33.16 -19.78 -7.61
CA ILE C 22 33.19 -20.21 -6.22
C ILE C 22 33.47 -21.71 -6.24
N ALA C 23 34.46 -22.13 -5.46
CA ALA C 23 34.86 -23.53 -5.46
C ALA C 23 34.04 -24.28 -4.45
N GLY C 24 32.82 -24.62 -4.84
CA GLY C 24 31.94 -25.39 -3.98
C GLY C 24 31.38 -24.55 -2.86
N GLU C 25 32.06 -24.55 -1.71
CA GLU C 25 31.61 -23.82 -0.52
C GLU C 25 32.63 -22.83 0.00
N LEU C 26 32.21 -21.57 0.16
CA LEU C 26 33.08 -20.54 0.73
C LEU C 26 33.24 -20.76 2.21
N GLN C 27 34.50 -20.85 2.67
CA GLN C 27 34.78 -21.19 4.07
C GLN C 27 35.26 -19.96 4.81
N LEU C 28 34.66 -19.70 5.97
CA LEU C 28 35.06 -18.55 6.77
C LEU C 28 36.37 -18.86 7.50
N ARG C 29 37.23 -17.84 7.61
CA ARG C 29 38.49 -17.92 8.34
C ARG C 29 38.69 -16.68 9.20
N THR C 30 38.58 -16.85 10.50
CA THR C 30 38.85 -15.74 11.41
C THR C 30 39.38 -16.24 12.77
N ASP C 31 40.30 -15.44 13.32
CA ASP C 31 40.80 -15.63 14.68
C ASP C 31 40.50 -14.33 15.42
N SER C 32 39.49 -13.60 14.95
CA SER C 32 39.14 -12.28 15.49
C SER C 32 37.63 -12.04 15.37
N ASP C 33 36.87 -12.93 15.97
CA ASP C 33 35.43 -12.77 16.09
C ASP C 33 35.08 -12.45 17.53
N SER C 34 34.03 -11.64 17.72
CA SER C 34 33.51 -11.36 19.05
C SER C 34 33.31 -12.67 19.79
N ALA C 35 33.56 -12.68 21.10
CA ALA C 35 33.41 -13.89 21.92
C ALA C 35 32.08 -14.62 21.64
N ASP C 36 30.99 -13.88 21.51
CA ASP C 36 29.68 -14.50 21.26
C ASP C 36 29.44 -14.92 19.78
N GLY C 37 30.48 -14.89 18.94
CA GLY C 37 30.43 -15.43 17.57
C GLY C 37 29.52 -14.70 16.58
N ILE C 38 29.46 -13.38 16.69
CA ILE C 38 28.56 -12.57 15.85
C ILE C 38 28.95 -12.65 14.36
N VAL C 39 30.24 -12.59 14.10
CA VAL C 39 30.74 -12.64 12.74
C VAL C 39 30.45 -14.02 12.13
N ALA C 40 30.77 -15.08 12.86
CA ALA C 40 30.45 -16.45 12.44
C ALA C 40 28.95 -16.66 12.12
N ASP C 41 28.09 -16.15 12.99
CA ASP C 41 26.65 -16.29 12.85
C ASP C 41 26.15 -15.52 11.65
N ALA C 42 26.57 -14.26 11.51
CA ALA C 42 26.22 -13.45 10.32
C ALA C 42 26.72 -14.07 9.01
N TRP C 43 27.90 -14.69 9.05
CA TRP C 43 28.43 -15.33 7.85
C TRP C 43 27.54 -16.52 7.43
N ASN C 44 27.19 -17.34 8.40
CA ASN C 44 26.43 -18.51 8.10
C ASN C 44 25.11 -18.12 7.42
N ARG C 45 24.47 -17.06 7.90
CA ARG C 45 23.19 -16.61 7.30
C ARG C 45 23.38 -16.06 5.91
N ALA C 46 24.46 -15.32 5.69
CA ALA C 46 24.73 -14.78 4.36
C ALA C 46 25.03 -15.89 3.34
N TRP C 47 25.89 -16.83 3.74
CA TRP C 47 26.26 -17.92 2.86
C TRP C 47 25.05 -18.78 2.50
N GLU C 48 24.20 -19.07 3.48
CA GLU C 48 23.03 -19.91 3.23
C GLU C 48 22.00 -19.20 2.33
N THR C 49 21.96 -17.88 2.42
CA THR C 49 21.18 -17.10 1.50
C THR C 49 21.81 -17.16 0.09
N ILE C 50 23.13 -16.99 0.02
CA ILE C 50 23.80 -16.95 -1.28
C ILE C 50 23.53 -18.24 -2.05
N VAL C 51 23.70 -19.36 -1.36
CA VAL C 51 23.55 -20.70 -1.96
C VAL C 51 22.09 -21.07 -2.26
N ALA C 52 21.14 -20.61 -1.45
CA ALA C 52 19.75 -20.94 -1.68
C ALA C 52 19.22 -20.09 -2.83
N LEU C 53 19.66 -18.83 -2.92
CA LEU C 53 19.12 -17.91 -3.93
C LEU C 53 19.72 -18.06 -5.32
N ARG C 54 21.02 -18.36 -5.40
CA ARG C 54 21.71 -18.42 -6.70
C ARG C 54 21.20 -17.24 -7.50
N TRP C 55 21.43 -16.06 -6.95
CA TRP C 55 20.82 -14.85 -7.47
C TRP C 55 21.18 -14.62 -8.92
N VAL C 56 20.19 -14.21 -9.70
CA VAL C 56 20.34 -13.82 -11.09
C VAL C 56 19.89 -12.38 -11.14
N PRO C 57 20.80 -11.45 -11.48
CA PRO C 57 20.38 -10.06 -11.41
C PRO C 57 19.07 -9.83 -12.14
N ALA C 58 18.12 -9.18 -11.46
CA ALA C 58 16.80 -8.96 -12.01
C ALA C 58 16.68 -7.70 -12.86
N ALA C 59 17.45 -6.67 -12.50
CA ALA C 59 17.58 -5.47 -13.32
C ALA C 59 19.07 -5.10 -13.36
N THR C 60 19.53 -4.53 -14.48
CA THR C 60 20.97 -4.22 -14.68
C THR C 60 21.12 -2.90 -15.43
N GLU C 61 22.28 -2.26 -15.27
CA GLU C 61 22.53 -0.97 -15.84
C GLU C 61 22.86 -1.10 -17.33
N ALA C 62 22.40 -0.15 -18.12
CA ALA C 62 22.81 -0.10 -19.53
C ALA C 62 22.74 1.29 -20.06
N PRO C 63 23.41 1.53 -21.21
CA PRO C 63 23.12 2.74 -21.94
C PRO C 63 21.68 2.65 -22.38
N ILE C 64 21.09 3.79 -22.67
CA ILE C 64 19.77 3.83 -23.19
C ILE C 64 19.79 3.31 -24.61
N SER C 65 18.67 2.73 -25.04
CA SER C 65 18.54 2.12 -26.34
C SER C 65 18.36 3.17 -27.40
N SER C 66 18.58 2.77 -28.64
CA SER C 66 18.31 3.61 -29.77
C SER C 66 16.84 3.50 -30.17
N PHE C 67 16.03 4.41 -29.69
CA PHE C 67 14.62 4.43 -30.03
C PHE C 67 14.52 4.97 -31.42
N GLU C 68 13.57 4.46 -32.19
CA GLU C 68 13.40 4.90 -33.58
C GLU C 68 12.89 6.36 -33.63
N PRO C 69 13.51 7.19 -34.48
CA PRO C 69 13.20 8.62 -34.44
C PRO C 69 11.90 8.93 -35.13
N PHE C 70 11.30 10.05 -34.72
CA PHE C 70 10.02 10.47 -35.25
C PHE C 70 10.22 10.96 -36.68
N PRO C 71 9.56 10.31 -37.66
CA PRO C 71 9.82 10.66 -39.05
C PRO C 71 9.28 12.03 -39.47
N THR C 72 9.93 12.61 -40.47
CA THR C 72 9.51 13.86 -41.09
C THR C 72 9.74 13.69 -42.61
N PRO C 73 8.65 13.80 -43.43
CA PRO C 73 8.70 13.40 -44.84
C PRO C 73 9.46 14.39 -45.73
N SER D 2 40.49 -18.51 -14.96
CA SER D 2 40.95 -17.70 -13.79
C SER D 2 40.86 -18.53 -12.52
N ASN D 3 41.45 -18.00 -11.45
CA ASN D 3 41.49 -18.69 -10.15
C ASN D 3 40.07 -18.86 -9.56
N SER D 4 39.88 -19.90 -8.72
CA SER D 4 38.57 -20.16 -8.08
C SER D 4 38.59 -19.80 -6.59
N LEU D 5 37.52 -19.14 -6.14
CA LEU D 5 37.45 -18.65 -4.77
C LEU D 5 37.05 -19.79 -3.86
N GLN D 6 37.60 -19.77 -2.65
CA GLN D 6 37.43 -20.86 -1.69
C GLN D 6 37.13 -20.38 -0.27
N TYR D 7 37.74 -19.27 0.11
CA TYR D 7 37.73 -18.82 1.50
C TYR D 7 37.33 -17.35 1.65
N VAL D 8 36.71 -17.02 2.77
CA VAL D 8 36.56 -15.63 3.20
C VAL D 8 37.36 -15.33 4.46
N ASN D 9 38.32 -14.42 4.34
CA ASN D 9 39.17 -14.03 5.45
C ASN D 9 38.78 -12.69 6.03
N VAL D 10 38.45 -12.73 7.33
CA VAL D 10 38.00 -11.54 8.03
C VAL D 10 38.88 -11.21 9.24
N GLN D 11 39.47 -10.03 9.21
CA GLN D 11 40.22 -9.49 10.34
C GLN D 11 39.51 -8.27 10.92
N VAL D 12 38.98 -8.41 12.13
CA VAL D 12 38.39 -7.31 12.87
C VAL D 12 39.47 -6.73 13.80
N LYS D 13 39.72 -5.43 13.72
CA LYS D 13 40.77 -4.81 14.53
C LYS D 13 40.52 -4.94 16.02
N ASP D 14 39.32 -4.57 16.49
CA ASP D 14 38.94 -4.88 17.87
C ASP D 14 37.57 -5.49 17.99
N ILE D 15 37.56 -6.67 18.59
CA ILE D 15 36.39 -7.50 18.70
C ILE D 15 35.54 -7.09 19.91
N GLU D 16 35.86 -5.94 20.48
CA GLU D 16 35.30 -5.51 21.76
C GLU D 16 34.27 -4.38 21.61
N ALA D 17 34.38 -3.59 20.54
CA ALA D 17 33.49 -2.46 20.31
C ALA D 17 32.04 -2.93 20.36
N ASP D 18 31.25 -2.25 21.18
CA ASP D 18 29.86 -2.60 21.38
C ASP D 18 29.01 -1.83 20.38
N LEU D 19 27.81 -2.34 20.13
CA LEU D 19 26.86 -1.75 19.19
C LEU D 19 26.25 -0.49 19.79
N GLN D 20 26.88 0.67 19.57
CA GLN D 20 26.36 1.91 20.12
C GLN D 20 26.61 3.01 19.15
N HIS D 21 25.88 4.10 19.32
CA HIS D 21 26.01 5.24 18.42
C HIS D 21 27.44 5.55 18.07
N GLY D 22 27.73 5.59 16.78
CA GLY D 22 29.03 6.08 16.31
C GLY D 22 30.14 5.07 16.19
N VAL D 23 29.85 3.82 16.55
CA VAL D 23 30.82 2.75 16.39
C VAL D 23 31.29 2.68 14.91
N ASP D 24 32.54 2.33 14.72
CA ASP D 24 33.15 2.33 13.39
C ASP D 24 32.57 1.22 12.53
N GLU D 25 31.74 1.61 11.58
CA GLU D 25 31.02 0.66 10.71
C GLU D 25 31.72 0.37 9.37
N SER D 26 32.89 0.97 9.18
CA SER D 26 33.64 0.85 7.92
C SER D 26 34.26 -0.54 7.72
N TYR D 27 34.48 -0.87 6.45
CA TYR D 27 35.11 -2.12 6.06
C TYR D 27 35.77 -1.99 4.70
N THR D 28 36.53 -3.00 4.31
CA THR D 28 37.12 -3.11 2.98
C THR D 28 36.87 -4.53 2.55
N LEU D 29 36.66 -4.72 1.26
CA LEU D 29 36.44 -6.04 0.71
C LEU D 29 37.26 -6.13 -0.58
N ASP D 30 38.01 -7.21 -0.74
CA ASP D 30 38.87 -7.37 -1.91
C ASP D 30 38.79 -8.77 -2.49
N VAL D 31 38.71 -8.85 -3.81
CA VAL D 31 38.83 -10.08 -4.57
C VAL D 31 39.87 -9.83 -5.66
N GLU D 32 40.93 -10.63 -5.67
CA GLU D 32 41.96 -10.51 -6.70
C GLU D 32 41.90 -11.66 -7.68
N GLU D 33 42.43 -11.39 -8.87
CA GLU D 33 42.44 -12.35 -9.96
C GLU D 33 42.97 -13.72 -9.53
N ASP D 34 44.23 -13.74 -9.08
CA ASP D 34 44.91 -14.99 -8.71
C ASP D 34 44.62 -15.47 -7.27
N SER D 35 44.02 -14.60 -6.44
CA SER D 35 43.75 -14.94 -5.03
C SER D 35 42.51 -15.80 -4.88
N ASP D 36 42.65 -16.89 -4.11
CA ASP D 36 41.52 -17.83 -3.82
C ASP D 36 40.71 -17.41 -2.57
N THR D 37 40.98 -16.20 -2.09
CA THR D 37 40.48 -15.68 -0.83
C THR D 37 39.86 -14.30 -1.06
N ILE D 38 38.65 -14.14 -0.51
CA ILE D 38 37.98 -12.86 -0.45
C ILE D 38 38.41 -12.22 0.85
N THR D 39 39.04 -11.07 0.75
CA THR D 39 39.70 -10.46 1.89
C THR D 39 38.86 -9.33 2.43
N ILE D 40 38.51 -9.43 3.72
CA ILE D 40 37.68 -8.44 4.37
C ILE D 40 38.32 -7.90 5.63
N ASN D 41 38.52 -6.59 5.68
CA ASN D 41 39.04 -5.93 6.87
C ASN D 41 38.04 -4.95 7.45
N ALA D 42 37.82 -5.03 8.76
CA ALA D 42 36.88 -4.15 9.43
C ALA D 42 37.47 -3.68 10.76
N GLU D 43 37.24 -2.42 11.08
CA GLU D 43 37.53 -1.88 12.38
C GLU D 43 36.80 -2.66 13.49
N THR D 44 35.53 -3.00 13.24
CA THR D 44 34.72 -3.76 14.22
C THR D 44 34.05 -4.97 13.60
N VAL D 45 33.40 -5.79 14.44
CA VAL D 45 32.53 -6.84 13.94
C VAL D 45 31.44 -6.23 13.05
N TRP D 46 31.03 -5.01 13.37
CA TRP D 46 29.87 -4.39 12.72
C TRP D 46 30.18 -4.02 11.28
N GLY D 47 31.42 -3.62 11.03
CA GLY D 47 31.87 -3.38 9.66
C GLY D 47 31.94 -4.66 8.85
N ALA D 48 32.31 -5.77 9.49
CA ALA D 48 32.39 -7.03 8.79
C ALA D 48 31.01 -7.49 8.37
N LEU D 49 30.03 -7.28 9.25
CA LEU D 49 28.62 -7.55 8.95
C LEU D 49 28.13 -6.86 7.70
N HIS D 50 28.58 -5.64 7.50
CA HIS D 50 28.29 -4.89 6.29
C HIS D 50 28.93 -5.51 5.05
N ALA D 51 30.20 -5.87 5.15
CA ALA D 51 30.89 -6.61 4.10
C ALA D 51 30.15 -7.84 3.62
N PHE D 52 29.52 -8.56 4.54
CA PHE D 52 28.78 -9.75 4.18
C PHE D 52 27.52 -9.44 3.38
N THR D 53 26.84 -8.34 3.71
CA THR D 53 25.61 -8.00 3.01
C THR D 53 25.92 -7.38 1.67
N THR D 54 27.07 -6.72 1.56
CA THR D 54 27.57 -6.31 0.26
C THR D 54 27.92 -7.57 -0.54
N LEU D 55 28.74 -8.41 0.07
CA LEU D 55 29.23 -9.64 -0.58
C LEU D 55 28.16 -10.51 -1.18
N GLN D 56 27.03 -10.69 -0.49
CA GLN D 56 25.95 -11.55 -1.04
C GLN D 56 25.30 -10.97 -2.27
N GLN D 57 25.37 -9.65 -2.39
CA GLN D 57 24.81 -8.96 -3.57
C GLN D 57 25.75 -9.00 -4.76
N LEU D 58 26.94 -9.56 -4.60
CA LEU D 58 27.92 -9.71 -5.70
C LEU D 58 28.01 -11.14 -6.23
N VAL D 59 27.54 -12.09 -5.45
CA VAL D 59 27.75 -13.50 -5.77
C VAL D 59 26.50 -13.99 -6.42
N ILE D 60 26.59 -14.20 -7.73
CA ILE D 60 25.44 -14.59 -8.52
C ILE D 60 25.65 -15.89 -9.28
N SER D 61 24.54 -16.38 -9.83
CA SER D 61 24.53 -17.57 -10.67
C SER D 61 25.35 -17.37 -11.92
N ASP D 62 26.10 -18.41 -12.29
CA ASP D 62 26.84 -18.42 -13.55
C ASP D 62 26.04 -18.96 -14.72
N GLY D 63 24.79 -19.38 -14.48
CA GLY D 63 23.93 -19.89 -15.53
C GLY D 63 24.00 -21.39 -15.70
N HIS D 64 24.92 -22.05 -14.97
CA HIS D 64 25.13 -23.51 -15.08
C HIS D 64 25.15 -24.18 -13.71
N GLY D 65 24.25 -23.77 -12.82
CA GLY D 65 24.19 -24.34 -11.48
C GLY D 65 25.41 -24.04 -10.59
N GLY D 66 26.27 -23.09 -10.98
CA GLY D 66 27.41 -22.66 -10.15
C GLY D 66 27.36 -21.18 -9.85
N LEU D 67 28.25 -20.70 -8.99
CA LEU D 67 28.21 -19.32 -8.54
C LEU D 67 29.46 -18.58 -8.92
N ILE D 68 29.34 -17.29 -9.22
CA ILE D 68 30.51 -16.49 -9.57
C ILE D 68 30.44 -15.09 -8.99
N ILE D 69 31.59 -14.49 -8.78
CA ILE D 69 31.67 -13.06 -8.73
C ILE D 69 32.15 -12.65 -10.12
N GLU D 70 31.48 -11.69 -10.74
CA GLU D 70 31.68 -11.44 -12.18
C GLU D 70 33.07 -10.95 -12.56
N GLU D 71 33.70 -10.23 -11.64
CA GLU D 71 35.03 -9.68 -11.82
C GLU D 71 35.70 -9.57 -10.46
N PRO D 72 37.03 -9.48 -10.45
CA PRO D 72 37.68 -9.09 -9.20
C PRO D 72 37.29 -7.66 -8.84
N VAL D 73 37.51 -7.25 -7.59
CA VAL D 73 36.90 -6.01 -7.13
C VAL D 73 37.60 -5.48 -5.91
N ASN D 74 37.58 -4.16 -5.76
CA ASN D 74 38.14 -3.48 -4.59
C ASN D 74 37.11 -2.55 -3.96
N ILE D 75 36.70 -2.87 -2.74
CA ILE D 75 35.69 -2.07 -2.08
C ILE D 75 36.22 -1.49 -0.79
N LYS D 76 36.03 -0.18 -0.67
CA LYS D 76 36.27 0.56 0.56
C LYS D 76 35.00 1.34 0.81
N ASP D 77 34.50 1.27 2.03
CA ASP D 77 33.11 1.61 2.25
C ASP D 77 32.89 1.89 3.72
N SER D 78 32.01 2.87 3.97
CA SER D 78 31.70 3.35 5.31
C SER D 78 30.51 4.29 5.24
N PRO D 79 29.77 4.43 6.36
CA PRO D 79 28.57 5.27 6.33
C PRO D 79 28.87 6.74 6.51
N LEU D 80 28.33 7.56 5.62
CA LEU D 80 28.36 9.03 5.78
C LEU D 80 27.82 9.46 7.15
N TYR D 81 26.75 8.82 7.61
CA TYR D 81 26.15 9.19 8.90
C TYR D 81 26.04 7.99 9.79
N PRO D 82 26.21 8.18 11.11
CA PRO D 82 26.13 7.04 12.05
C PRO D 82 24.71 6.65 12.46
N TYR D 83 23.73 7.46 12.09
CA TYR D 83 22.32 7.23 12.48
C TYR D 83 21.44 7.13 11.24
N ARG D 84 21.13 5.89 10.85
CA ARG D 84 20.43 5.60 9.60
C ARG D 84 19.21 4.71 9.93
N GLY D 85 18.01 5.29 9.91
CA GLY D 85 16.89 4.62 10.55
C GLY D 85 15.51 4.70 9.93
N ILE D 86 14.68 3.78 10.41
CA ILE D 86 13.24 3.77 10.19
C ILE D 86 12.52 3.73 11.56
N MET D 87 11.29 4.24 11.56
CA MET D 87 10.50 4.30 12.77
C MET D 87 9.22 3.52 12.58
N LEU D 88 9.05 2.51 13.42
CA LEU D 88 7.91 1.65 13.42
C LEU D 88 6.90 2.14 14.46
N ASP D 89 5.66 2.36 14.04
CA ASP D 89 4.60 2.74 14.99
C ASP D 89 3.73 1.54 15.43
N THR D 90 4.00 1.00 16.61
CA THR D 90 3.20 -0.10 17.18
C THR D 90 2.13 0.36 18.19
N GLY D 91 1.94 1.66 18.31
CA GLY D 91 0.98 2.23 19.27
C GLY D 91 -0.35 2.31 18.62
N ARG D 92 -0.36 2.83 17.39
CA ARG D 92 -1.61 2.98 16.62
C ARG D 92 -2.16 1.63 16.14
N ASN D 93 -1.25 0.78 15.69
CA ASN D 93 -1.61 -0.58 15.33
C ASN D 93 -0.46 -1.50 15.69
N PHE D 94 -0.80 -2.67 16.20
CA PHE D 94 0.18 -3.66 16.57
C PHE D 94 0.79 -4.33 15.34
N VAL D 95 2.08 -4.67 15.41
CA VAL D 95 2.84 -5.42 14.38
C VAL D 95 3.55 -6.62 15.01
N SER D 96 3.40 -7.80 14.42
CA SER D 96 3.85 -9.05 15.07
C SER D 96 5.34 -9.17 14.96
N LEU D 97 5.91 -10.14 15.67
CA LEU D 97 7.37 -10.29 15.69
C LEU D 97 7.97 -10.76 14.35
N PRO D 98 7.33 -11.74 13.69
CA PRO D 98 7.83 -12.13 12.34
C PRO D 98 7.93 -10.93 11.41
N LYS D 99 6.95 -10.05 11.52
CA LYS D 99 6.94 -8.86 10.67
C LYS D 99 7.93 -7.80 11.12
N ILE D 100 8.26 -7.79 12.41
CA ILE D 100 9.34 -6.92 12.88
C ILE D 100 10.66 -7.52 12.43
N PHE D 101 10.84 -8.83 12.61
CA PHE D 101 12.01 -9.53 12.08
C PHE D 101 12.20 -9.23 10.57
N GLU D 102 11.11 -9.23 9.81
CA GLU D 102 11.18 -8.99 8.37
C GLU D 102 11.74 -7.61 8.05
N GLN D 103 11.34 -6.59 8.80
CA GLN D 103 11.89 -5.24 8.60
C GLN D 103 13.38 -5.18 8.92
N LEU D 104 13.79 -5.84 10.00
CA LEU D 104 15.20 -5.92 10.40
C LEU D 104 16.08 -6.63 9.36
N GLU D 105 15.46 -7.57 8.64
CA GLU D 105 16.12 -8.26 7.57
C GLU D 105 16.41 -7.32 6.41
N GLY D 106 15.39 -6.59 5.95
CA GLY D 106 15.58 -5.57 4.91
C GLY D 106 16.53 -4.47 5.36
N MET D 107 16.47 -4.14 6.63
CA MET D 107 17.34 -3.13 7.21
C MET D 107 18.78 -3.56 7.07
N SER D 108 19.02 -4.83 7.33
CA SER D 108 20.34 -5.40 7.24
C SER D 108 20.87 -5.36 5.82
N LEU D 109 20.06 -5.79 4.84
CA LEU D 109 20.54 -5.84 3.45
C LEU D 109 20.80 -4.43 2.89
N SER D 110 20.17 -3.41 3.46
CA SER D 110 20.42 -2.04 3.05
C SER D 110 21.31 -1.23 4.01
N LYS D 111 21.75 -1.85 5.10
CA LYS D 111 22.71 -1.25 6.03
C LYS D 111 22.11 -0.15 6.93
N LEU D 112 20.79 -0.11 7.09
CA LEU D 112 20.21 0.76 8.13
C LEU D 112 20.59 0.17 9.48
N ASN D 113 21.04 1.03 10.42
CA ASN D 113 21.45 0.55 11.72
C ASN D 113 20.59 0.95 12.92
N VAL D 114 19.48 1.64 12.67
CA VAL D 114 18.57 2.07 13.73
C VAL D 114 17.10 1.68 13.50
N LEU D 115 16.58 0.85 14.38
CA LEU D 115 15.16 0.69 14.41
C LEU D 115 14.65 1.56 15.54
N HIS D 116 14.15 2.72 15.13
CA HIS D 116 13.42 3.59 16.02
C HIS D 116 12.02 2.97 16.18
N TRP D 117 11.73 2.52 17.39
CA TRP D 117 10.51 1.82 17.73
C TRP D 117 9.60 2.67 18.62
N HIS D 118 8.53 3.17 18.01
CA HIS D 118 7.50 3.96 18.68
C HIS D 118 6.49 3.01 19.32
N ILE D 119 6.79 2.59 20.55
CA ILE D 119 6.09 1.48 21.18
C ILE D 119 4.62 1.75 21.50
N ASP D 120 4.34 2.91 22.07
CA ASP D 120 2.94 3.17 22.52
C ASP D 120 2.45 4.45 21.87
N ASP D 121 1.17 4.71 22.07
CA ASP D 121 0.65 6.05 21.80
C ASP D 121 -0.67 6.17 22.56
N ALA D 122 -1.43 7.22 22.26
CA ALA D 122 -2.71 7.38 22.90
C ALA D 122 -3.55 6.18 22.67
N GLN D 123 -3.46 5.61 21.45
CA GLN D 123 -4.40 4.55 21.03
C GLN D 123 -4.19 3.20 21.70
N SER D 124 -2.97 2.87 22.09
CA SER D 124 -2.69 1.60 22.74
C SER D 124 -1.39 1.58 23.52
N TRP D 125 -1.30 0.61 24.43
CA TRP D 125 -0.08 0.35 25.19
C TRP D 125 0.25 -1.14 25.11
N PRO D 126 1.07 -1.55 24.13
CA PRO D 126 1.28 -2.96 23.84
C PRO D 126 2.41 -3.63 24.58
N ILE D 127 3.18 -2.89 25.38
CA ILE D 127 4.39 -3.44 26.01
C ILE D 127 4.20 -3.81 27.49
N TRP D 128 4.58 -5.03 27.84
CA TRP D 128 4.44 -5.50 29.20
C TRP D 128 5.37 -4.74 30.13
N VAL D 129 4.82 -4.25 31.24
CA VAL D 129 5.61 -3.60 32.29
C VAL D 129 5.35 -4.33 33.61
N ASP D 130 6.41 -4.89 34.19
CA ASP D 130 6.31 -5.70 35.43
C ASP D 130 5.76 -4.89 36.59
N VAL D 131 6.37 -3.71 36.84
CA VAL D 131 5.92 -2.82 37.92
C VAL D 131 4.43 -2.45 37.83
N TYR D 132 3.92 -2.33 36.61
CA TYR D 132 2.51 -2.01 36.38
C TYR D 132 1.93 -2.99 35.34
N PRO D 133 1.59 -4.20 35.81
CA PRO D 133 0.96 -5.18 34.93
C PRO D 133 -0.34 -4.69 34.33
N GLU D 134 -0.90 -3.65 34.93
CA GLU D 134 -2.22 -3.14 34.52
C GLU D 134 -2.19 -2.29 33.23
N MET D 135 -0.99 -1.86 32.80
CA MET D 135 -0.88 -0.98 31.64
C MET D 135 -1.36 -1.67 30.34
N VAL D 136 -1.00 -2.93 30.17
CA VAL D 136 -1.37 -3.68 28.98
C VAL D 136 -2.87 -3.99 28.90
N LYS D 137 -3.63 -3.71 29.95
CA LYS D 137 -5.11 -3.71 29.86
C LYS D 137 -5.59 -2.79 28.72
N ASP D 138 -4.73 -1.88 28.28
CA ASP D 138 -5.01 -1.00 27.17
C ASP D 138 -4.29 -1.45 25.89
N ALA D 139 -3.93 -2.73 25.80
CA ALA D 139 -3.39 -3.28 24.55
C ALA D 139 -4.59 -3.67 23.77
N TYR D 140 -4.44 -3.85 22.47
CA TYR D 140 -5.60 -4.14 21.62
C TYR D 140 -6.21 -5.50 21.92
N SER D 141 -5.42 -6.41 22.49
CA SER D 141 -5.91 -7.73 22.92
C SER D 141 -4.75 -8.42 23.64
N PRO D 142 -5.02 -9.58 24.27
CA PRO D 142 -3.95 -10.32 24.96
C PRO D 142 -2.88 -10.89 24.03
N HIS D 143 -3.23 -11.15 22.78
CA HIS D 143 -2.28 -11.62 21.78
C HIS D 143 -1.43 -10.46 21.23
N GLU D 144 -1.93 -9.23 21.29
CA GLU D 144 -1.21 -8.05 20.72
C GLU D 144 -0.35 -7.31 21.80
N ILE D 145 0.56 -8.06 22.43
CA ILE D 145 1.41 -7.57 23.49
C ILE D 145 2.84 -8.04 23.28
N TYR D 146 3.79 -7.15 23.50
CA TYR D 146 5.19 -7.53 23.48
C TYR D 146 5.64 -7.86 24.89
N SER D 147 5.73 -9.15 25.15
CA SER D 147 6.29 -9.65 26.40
C SER D 147 7.72 -9.17 26.58
N ARG D 148 8.24 -9.30 27.79
CA ARG D 148 9.65 -8.99 28.05
C ARG D 148 10.54 -9.79 27.10
N ASN D 149 10.23 -11.07 26.97
CA ASN D 149 10.99 -11.98 26.12
C ASN D 149 10.87 -11.65 24.62
N ASP D 150 9.69 -11.20 24.20
CA ASP D 150 9.52 -10.65 22.85
C ASP D 150 10.58 -9.54 22.61
N VAL D 151 10.74 -8.61 23.55
CA VAL D 151 11.71 -7.50 23.35
C VAL D 151 13.15 -8.00 23.28
N ARG D 152 13.52 -8.91 24.17
CA ARG D 152 14.85 -9.52 24.15
C ARG D 152 15.19 -10.17 22.78
N ASN D 153 14.29 -11.00 22.26
CA ASN D 153 14.42 -11.57 20.91
C ASN D 153 14.48 -10.50 19.78
N ILE D 154 13.64 -9.48 19.81
CA ILE D 154 13.78 -8.37 18.85
C ILE D 154 15.17 -7.71 18.92
N VAL D 155 15.63 -7.43 20.12
CA VAL D 155 16.92 -6.80 20.34
C VAL D 155 18.04 -7.69 19.84
N ASN D 156 17.97 -8.97 20.19
CA ASN D 156 18.99 -9.93 19.74
C ASN D 156 18.98 -10.12 18.21
N TYR D 157 17.81 -10.32 17.65
CA TYR D 157 17.66 -10.42 16.21
C TYR D 157 18.24 -9.18 15.50
N ALA D 158 18.03 -8.01 16.10
CA ALA D 158 18.64 -6.78 15.61
C ALA D 158 20.16 -6.75 15.82
N ARG D 159 20.60 -7.16 17.00
CA ARG D 159 22.03 -7.16 17.31
C ARG D 159 22.79 -8.02 16.30
N ALA D 160 22.27 -9.22 16.03
CA ALA D 160 22.86 -10.16 15.07
C ALA D 160 23.09 -9.55 13.69
N ARG D 161 22.32 -8.50 13.36
CA ARG D 161 22.39 -7.78 12.08
C ARG D 161 22.91 -6.36 12.20
N GLY D 162 23.58 -6.08 13.32
CA GLY D 162 24.20 -4.77 13.53
C GLY D 162 23.24 -3.61 13.61
N ILE D 163 22.04 -3.89 14.10
CA ILE D 163 20.99 -2.89 14.20
C ILE D 163 20.71 -2.59 15.66
N ARG D 164 20.77 -1.31 15.98
CA ARG D 164 20.45 -0.80 17.32
C ARG D 164 18.95 -0.55 17.34
N VAL D 165 18.31 -0.95 18.42
CA VAL D 165 16.91 -0.66 18.61
C VAL D 165 16.84 0.50 19.58
N ILE D 166 16.25 1.60 19.12
CA ILE D 166 16.15 2.81 19.92
C ILE D 166 14.69 3.07 20.24
N PRO D 167 14.28 2.79 21.50
CA PRO D 167 12.87 2.84 21.87
C PRO D 167 12.31 4.24 22.01
N GLU D 168 11.01 4.38 21.77
CA GLU D 168 10.30 5.60 22.07
C GLU D 168 9.05 5.33 22.87
N ILE D 169 8.99 5.90 24.05
CA ILE D 169 7.74 6.13 24.74
C ILE D 169 7.51 7.63 24.62
N ASP D 170 6.46 8.01 23.91
CA ASP D 170 6.22 9.40 23.63
C ASP D 170 5.56 10.07 24.81
N MET D 171 6.27 11.03 25.41
CA MET D 171 5.76 11.86 26.48
C MET D 171 6.15 13.29 26.17
N PRO D 172 5.35 14.26 26.62
CA PRO D 172 4.19 14.12 27.49
C PRO D 172 2.88 14.08 26.74
N SER D 173 2.91 14.47 25.48
CA SER D 173 1.75 14.28 24.63
C SER D 173 1.68 12.82 24.18
N HIS D 174 0.62 12.51 23.42
CA HIS D 174 0.40 11.15 22.90
C HIS D 174 0.40 10.18 24.03
N SER D 175 -0.36 10.51 25.06
CA SER D 175 -0.36 9.70 26.29
C SER D 175 -1.76 9.60 26.82
N SER D 176 -2.29 8.39 26.82
CA SER D 176 -3.58 8.13 27.40
C SER D 176 -3.59 6.68 27.78
N SER D 177 -3.67 5.81 26.77
CA SER D 177 -3.67 4.38 26.98
C SER D 177 -2.48 3.94 27.86
N GLY D 178 -2.73 3.02 28.78
CA GLY D 178 -1.65 2.42 29.60
C GLY D 178 -1.41 3.20 30.89
N TRP D 179 -0.88 4.39 30.71
CA TRP D 179 -0.77 5.37 31.77
C TRP D 179 -1.99 5.43 32.70
N LYS D 180 -3.18 5.59 32.12
CA LYS D 180 -4.38 5.85 32.88
C LYS D 180 -4.93 4.64 33.62
N GLN D 181 -4.35 3.47 33.39
CA GLN D 181 -4.69 2.29 34.19
C GLN D 181 -3.84 2.32 35.49
N VAL D 182 -2.74 3.05 35.46
CA VAL D 182 -1.87 3.15 36.62
C VAL D 182 -2.48 4.17 37.58
N ASP D 183 -2.74 5.37 37.07
CA ASP D 183 -3.31 6.45 37.84
C ASP D 183 -4.10 7.35 36.88
N PRO D 184 -5.44 7.34 36.98
CA PRO D 184 -6.24 8.09 36.01
C PRO D 184 -6.04 9.60 36.03
N GLU D 185 -5.41 10.11 37.09
CA GLU D 185 -5.21 11.55 37.21
C GLU D 185 -3.86 12.02 36.66
N MET D 186 -3.03 11.08 36.21
CA MET D 186 -1.77 11.46 35.54
C MET D 186 -1.98 11.79 34.06
N VAL D 187 -3.18 11.51 33.56
CA VAL D 187 -3.58 11.90 32.19
C VAL D 187 -4.74 12.88 32.24
N THR D 188 -4.73 13.85 31.33
CA THR D 188 -5.83 14.82 31.23
C THR D 188 -6.52 14.82 29.83
N CYS D 189 -7.83 15.12 29.82
CA CYS D 189 -8.64 15.29 28.60
C CYS D 189 -8.86 14.00 27.82
N THR D 190 -8.52 12.87 28.43
CA THR D 190 -8.55 11.60 27.73
C THR D 190 -9.97 11.20 27.39
N ASP D 191 -10.92 11.77 28.13
CA ASP D 191 -12.33 11.66 27.82
C ASP D 191 -12.88 12.89 27.15
N SER D 192 -12.01 13.76 26.64
CA SER D 192 -12.49 14.92 25.92
C SER D 192 -12.95 14.51 24.53
N TRP D 193 -13.56 15.44 23.82
CA TRP D 193 -13.80 15.30 22.40
C TRP D 193 -12.63 16.01 21.75
N TRP D 194 -11.91 15.33 20.84
CA TRP D 194 -10.72 15.91 20.18
C TRP D 194 -11.06 17.16 19.37
N SER D 195 -12.33 17.28 18.96
CA SER D 195 -12.92 18.57 18.55
C SER D 195 -12.20 19.33 17.44
N ASN D 196 -11.87 18.64 16.35
CA ASN D 196 -11.45 19.32 15.12
C ASN D 196 -12.66 19.75 14.26
N ASP D 197 -13.87 19.31 14.61
CA ASP D 197 -15.11 19.86 14.01
C ASP D 197 -15.42 21.27 14.51
N ASP D 198 -14.90 21.57 15.71
CA ASP D 198 -15.02 22.87 16.37
C ASP D 198 -13.63 23.28 16.85
N TRP D 199 -12.84 23.77 15.91
CA TRP D 199 -11.39 23.89 16.07
C TRP D 199 -10.90 24.59 17.35
N PRO D 200 -11.65 25.61 17.86
CA PRO D 200 -11.11 26.34 19.02
C PRO D 200 -11.00 25.49 20.28
N LEU D 201 -11.90 24.52 20.43
CA LEU D 201 -11.93 23.65 21.60
C LEU D 201 -11.13 22.34 21.42
N HIS D 202 -10.27 22.29 20.39
CA HIS D 202 -9.57 21.04 20.04
C HIS D 202 -8.54 20.62 21.08
N THR D 203 -8.58 19.36 21.50
CA THR D 203 -7.58 18.84 22.44
C THR D 203 -6.46 18.02 21.81
N ALA D 204 -6.62 17.63 20.54
CA ALA D 204 -5.63 16.81 19.84
C ALA D 204 -5.59 17.06 18.33
N VAL D 205 -4.47 16.69 17.71
CA VAL D 205 -4.36 16.64 16.24
C VAL D 205 -5.07 15.41 15.64
N GLU D 206 -5.02 14.29 16.36
CA GLU D 206 -5.59 13.00 15.98
C GLU D 206 -6.47 12.48 17.08
N PRO D 207 -7.58 11.81 16.70
CA PRO D 207 -8.50 11.33 17.69
C PRO D 207 -7.87 10.28 18.58
N ASN D 208 -8.55 10.08 19.71
CA ASN D 208 -7.98 9.51 20.89
C ASN D 208 -7.03 10.53 21.52
N PRO D 209 -7.61 11.59 22.17
CA PRO D 209 -6.83 12.66 22.78
C PRO D 209 -6.30 12.27 24.13
N GLY D 210 -5.25 12.95 24.57
CA GLY D 210 -4.69 12.64 25.87
C GLY D 210 -3.25 13.09 26.03
N GLN D 211 -2.97 13.66 27.19
CA GLN D 211 -1.63 14.10 27.54
C GLN D 211 -1.37 13.88 29.01
N LEU D 212 -0.09 13.84 29.36
CA LEU D 212 0.33 13.64 30.72
C LEU D 212 0.14 14.95 31.50
N ASP D 213 -0.51 14.88 32.66
CA ASP D 213 -0.63 16.05 33.54
C ASP D 213 0.76 16.45 34.04
N ILE D 214 1.29 17.52 33.45
CA ILE D 214 2.67 17.95 33.70
C ILE D 214 2.91 18.42 35.15
N ILE D 215 1.83 18.78 35.86
CA ILE D 215 1.94 19.29 37.24
C ILE D 215 1.79 18.18 38.28
N TYR D 216 0.72 17.41 38.19
CA TYR D 216 0.42 16.32 39.13
C TYR D 216 1.67 15.65 39.71
N ASN D 217 1.71 15.55 41.05
CA ASN D 217 2.86 14.95 41.78
C ASN D 217 3.33 13.65 41.14
N LYS D 218 2.41 12.68 41.11
CA LYS D 218 2.72 11.28 40.84
C LYS D 218 3.04 10.97 39.36
N THR D 219 2.70 11.88 38.45
CA THR D 219 3.09 11.76 37.05
C THR D 219 4.53 11.25 36.94
N TYR D 220 5.46 11.91 37.62
CA TYR D 220 6.90 11.71 37.40
C TYR D 220 7.47 10.49 38.11
N GLU D 221 6.78 9.98 39.12
CA GLU D 221 7.13 8.72 39.76
C GLU D 221 6.90 7.58 38.78
N VAL D 222 5.65 7.46 38.33
CA VAL D 222 5.24 6.43 37.37
C VAL D 222 6.06 6.54 36.09
N VAL D 223 6.17 7.73 35.54
CA VAL D 223 6.98 7.93 34.35
C VAL D 223 8.38 7.41 34.60
N GLY D 224 8.92 7.70 35.79
CA GLY D 224 10.25 7.29 36.17
C GLY D 224 10.39 5.79 36.35
N ASN D 225 9.41 5.17 36.99
CA ASN D 225 9.38 3.71 37.15
C ASN D 225 9.23 2.97 35.82
N VAL D 226 8.32 3.45 34.95
CA VAL D 226 8.09 2.83 33.64
C VAL D 226 9.36 3.00 32.80
N TYR D 227 9.93 4.20 32.84
CA TYR D 227 11.14 4.47 32.09
C TYR D 227 12.32 3.62 32.53
N LYS D 228 12.47 3.43 33.83
CA LYS D 228 13.64 2.73 34.34
C LYS D 228 13.56 1.26 34.00
N GLU D 229 12.37 0.69 34.07
CA GLU D 229 12.18 -0.71 33.71
C GLU D 229 12.50 -0.96 32.24
N LEU D 230 12.01 -0.07 31.39
CA LEU D 230 12.24 -0.17 29.96
C LEU D 230 13.68 0.08 29.61
N SER D 231 14.28 1.12 30.19
CA SER D 231 15.69 1.41 30.01
C SER D 231 16.55 0.17 30.23
N ASP D 232 16.22 -0.63 31.24
CA ASP D 232 16.94 -1.86 31.57
C ASP D 232 16.86 -2.96 30.50
N ILE D 233 15.74 -3.08 29.80
CA ILE D 233 15.62 -4.11 28.76
C ILE D 233 16.09 -3.66 27.37
N PHE D 234 16.48 -2.40 27.23
CA PHE D 234 16.95 -1.84 25.95
C PHE D 234 18.43 -1.41 26.06
N PRO D 235 19.35 -2.20 25.46
CA PRO D 235 20.80 -1.99 25.68
C PRO D 235 21.43 -0.85 24.89
N ASP D 236 20.67 -0.15 24.04
CA ASP D 236 21.28 1.03 23.42
C ASP D 236 21.49 2.13 24.48
N HIS D 237 22.45 3.02 24.28
CA HIS D 237 22.63 4.15 25.21
C HIS D 237 21.65 5.28 24.92
N TRP D 238 21.07 5.29 23.72
CA TRP D 238 20.10 6.31 23.33
C TRP D 238 18.68 5.91 23.69
N PHE D 239 17.86 6.91 23.99
CA PHE D 239 16.46 6.70 24.33
C PHE D 239 15.65 7.89 23.84
N HIS D 240 14.46 7.61 23.34
CA HIS D 240 13.60 8.64 22.78
C HIS D 240 12.42 8.89 23.73
N VAL D 241 12.37 10.11 24.23
CA VAL D 241 11.35 10.58 25.19
C VAL D 241 10.15 11.18 24.45
N GLY D 242 10.39 11.62 23.23
CA GLY D 242 9.33 12.09 22.38
C GLY D 242 9.21 13.58 22.53
N GLY D 243 8.10 14.03 23.08
CA GLY D 243 7.84 15.44 23.28
C GLY D 243 7.45 16.15 21.99
N ASP D 244 6.42 15.64 21.33
CA ASP D 244 5.87 16.32 20.15
C ASP D 244 4.43 16.67 20.37
N GLU D 245 3.99 17.73 19.67
CA GLU D 245 2.58 18.10 19.59
C GLU D 245 1.93 18.24 20.98
N ILE D 246 2.41 19.22 21.73
CA ILE D 246 1.84 19.58 23.02
C ILE D 246 0.59 20.46 22.78
N GLN D 247 -0.58 19.92 23.01
CA GLN D 247 -1.83 20.67 22.82
C GLN D 247 -2.26 21.40 24.09
N PRO D 248 -2.29 22.75 24.03
CA PRO D 248 -2.54 23.55 25.22
C PRO D 248 -3.94 23.38 25.79
N ASN D 249 -4.93 23.15 24.93
CA ASN D 249 -6.31 23.05 25.39
C ASN D 249 -6.60 21.79 26.20
N CYS D 250 -5.76 20.75 26.04
CA CYS D 250 -5.95 19.50 26.77
C CYS D 250 -5.82 19.71 28.28
N PHE D 251 -4.90 20.58 28.68
CA PHE D 251 -4.65 20.82 30.11
C PHE D 251 -5.82 21.50 30.83
N ASN D 252 -6.65 22.25 30.10
CA ASN D 252 -7.88 22.83 30.65
C ASN D 252 -8.80 21.84 31.38
N PHE D 253 -8.68 20.56 31.04
CA PHE D 253 -9.44 19.49 31.68
C PHE D 253 -8.83 19.04 33.02
N SER D 254 -7.58 19.42 33.25
CA SER D 254 -6.91 19.22 34.54
C SER D 254 -7.08 20.44 35.46
N THR D 255 -7.64 20.19 36.65
CA THR D 255 -7.74 21.20 37.70
C THR D 255 -6.34 21.70 38.04
N HIS D 256 -5.44 20.76 38.31
CA HIS D 256 -4.06 21.05 38.68
C HIS D 256 -3.42 22.11 37.80
N VAL D 257 -3.40 21.87 36.50
CA VAL D 257 -2.63 22.74 35.60
C VAL D 257 -3.29 24.11 35.47
N THR D 258 -4.62 24.14 35.51
CA THR D 258 -5.34 25.41 35.41
C THR D 258 -5.28 26.21 36.75
N LYS D 259 -5.34 25.46 37.86
CA LYS D 259 -5.05 25.99 39.21
C LYS D 259 -3.63 26.53 39.30
N TRP D 260 -2.70 25.82 38.69
CA TRP D 260 -1.30 26.25 38.60
C TRP D 260 -1.16 27.52 37.77
N PHE D 261 -2.00 27.65 36.74
CA PHE D 261 -2.06 28.89 35.95
C PHE D 261 -2.75 30.03 36.70
N ALA D 262 -3.70 29.69 37.58
CA ALA D 262 -4.41 30.69 38.40
C ALA D 262 -3.46 31.30 39.45
N GLU D 263 -2.86 30.42 40.26
CA GLU D 263 -1.80 30.78 41.22
C GLU D 263 -0.95 31.96 40.74
N ASP D 264 -0.40 31.83 39.52
CA ASP D 264 0.40 32.88 38.89
C ASP D 264 -0.08 33.04 37.43
N PRO D 265 -0.79 34.16 37.13
CA PRO D 265 -1.32 34.38 35.79
C PRO D 265 -0.29 34.93 34.80
N SER D 266 0.92 35.18 35.30
CA SER D 266 2.08 35.46 34.45
C SER D 266 2.48 34.20 33.68
N ARG D 267 2.19 33.03 34.27
CA ARG D 267 2.51 31.75 33.67
C ARG D 267 1.82 31.55 32.32
N THR D 268 2.63 31.23 31.31
CA THR D 268 2.16 30.85 29.97
C THR D 268 2.46 29.37 29.66
N TYR D 269 2.04 28.91 28.49
CA TYR D 269 2.26 27.50 28.09
C TYR D 269 3.75 27.15 27.89
N HIS D 270 4.57 28.14 27.55
CA HIS D 270 6.01 27.93 27.40
C HIS D 270 6.58 27.50 28.73
N ASP D 271 6.08 28.12 29.79
CA ASP D 271 6.52 27.80 31.12
C ASP D 271 6.15 26.35 31.42
N LEU D 272 4.92 25.98 31.07
CA LEU D 272 4.43 24.62 31.28
C LEU D 272 5.30 23.54 30.64
N ALA D 273 5.82 23.83 29.45
CA ALA D 273 6.71 22.92 28.78
C ALA D 273 8.02 22.78 29.55
N GLN D 274 8.58 23.92 29.94
CA GLN D 274 9.80 23.93 30.77
C GLN D 274 9.66 23.07 32.03
N TYR D 275 8.52 23.20 32.70
CA TYR D 275 8.25 22.43 33.91
C TYR D 275 8.53 20.93 33.69
N TRP D 276 7.90 20.36 32.64
CA TRP D 276 8.17 19.00 32.18
C TRP D 276 9.67 18.78 31.88
N VAL D 277 10.28 19.68 31.11
CA VAL D 277 11.68 19.57 30.76
C VAL D 277 12.50 19.43 32.05
N ASP D 278 12.32 20.37 32.96
CA ASP D 278 13.15 20.48 34.17
C ASP D 278 12.82 19.47 35.27
N HIS D 279 11.76 18.70 35.07
CA HIS D 279 11.41 17.60 35.97
C HIS D 279 11.61 16.22 35.33
N ALA D 280 11.35 16.12 34.02
CA ALA D 280 11.41 14.84 33.33
C ALA D 280 12.84 14.50 32.90
N VAL D 281 13.57 15.49 32.40
CA VAL D 281 14.90 15.21 31.85
C VAL D 281 15.87 14.72 32.91
N PRO D 282 15.87 15.34 34.11
CA PRO D 282 16.61 14.76 35.22
C PRO D 282 16.30 13.30 35.47
N ILE D 283 15.02 12.98 35.57
CA ILE D 283 14.61 11.59 35.73
C ILE D 283 15.18 10.69 34.63
N PHE D 284 15.26 11.19 33.40
CA PHE D 284 15.75 10.37 32.28
C PHE D 284 17.27 10.30 32.26
N GLN D 285 17.92 11.44 32.44
CA GLN D 285 19.38 11.47 32.50
C GLN D 285 19.88 10.66 33.70
N ASN D 286 19.02 10.52 34.71
CA ASN D 286 19.33 9.83 35.97
C ASN D 286 19.68 8.36 35.77
N TYR D 287 19.12 7.75 34.72
CA TYR D 287 19.22 6.30 34.51
C TYR D 287 20.66 5.78 34.39
N SER D 288 21.47 6.48 33.60
CA SER D 288 22.78 5.99 33.25
C SER D 288 23.70 7.12 32.91
N GLN D 289 24.98 6.81 32.96
CA GLN D 289 26.05 7.77 32.75
C GLN D 289 26.19 8.04 31.24
N GLU D 290 26.01 6.99 30.43
CA GLU D 290 26.14 7.10 28.97
C GLU D 290 24.80 7.44 28.28
N ARG D 291 23.71 7.42 29.06
CA ARG D 291 22.39 7.76 28.54
C ARG D 291 22.40 9.05 27.75
N ARG D 292 21.91 8.95 26.52
CA ARG D 292 21.68 10.12 25.69
C ARG D 292 20.19 10.16 25.43
N LEU D 293 19.67 11.35 25.17
CA LEU D 293 18.26 11.50 24.89
C LEU D 293 18.00 11.96 23.45
N VAL D 294 16.89 11.48 22.90
CA VAL D 294 16.31 12.03 21.68
C VAL D 294 14.91 12.50 22.00
N MET D 295 14.49 13.54 21.30
CA MET D 295 13.16 14.09 21.40
C MET D 295 12.82 14.73 20.07
N TRP D 296 11.53 14.86 19.82
CA TRP D 296 11.05 15.55 18.65
C TRP D 296 11.27 17.04 18.87
N GLU D 297 11.55 17.74 17.78
CA GLU D 297 11.88 19.17 17.79
C GLU D 297 10.85 20.08 18.48
N ASP D 298 9.56 19.71 18.39
CA ASP D 298 8.45 20.53 18.94
C ASP D 298 8.82 21.13 20.31
N ILE D 299 9.43 20.33 21.16
CA ILE D 299 9.80 20.74 22.50
C ILE D 299 10.60 22.05 22.53
N ALA D 300 11.49 22.23 21.56
CA ALA D 300 12.33 23.44 21.50
C ALA D 300 12.04 24.34 20.31
N LEU D 301 10.96 24.10 19.58
CA LEU D 301 10.70 24.87 18.35
C LEU D 301 9.23 24.91 17.87
N SER D 302 8.30 24.36 18.65
CA SER D 302 6.89 24.55 18.36
C SER D 302 6.42 25.94 18.79
N ALA D 303 5.21 26.29 18.38
CA ALA D 303 4.56 27.53 18.80
C ALA D 303 4.64 27.74 20.32
N ASP D 304 4.40 26.67 21.07
CA ASP D 304 4.40 26.70 22.54
C ASP D 304 5.60 25.93 23.14
N ASN D 305 6.78 26.20 22.59
CA ASN D 305 8.01 25.52 23.02
C ASN D 305 8.54 25.93 24.39
N ALA D 306 9.40 25.08 24.95
CA ALA D 306 10.06 25.35 26.22
C ALA D 306 11.22 26.32 25.99
N HIS D 307 11.39 27.25 26.92
CA HIS D 307 12.37 28.33 26.78
C HIS D 307 13.78 27.79 26.55
N ASP D 308 14.16 26.80 27.34
CA ASP D 308 15.53 26.29 27.35
C ASP D 308 15.56 24.77 27.44
N VAL D 309 15.81 24.13 26.30
CA VAL D 309 16.02 22.68 26.22
C VAL D 309 17.52 22.42 26.13
N PRO D 310 18.06 21.62 27.05
CA PRO D 310 19.46 21.26 27.00
C PRO D 310 19.93 20.89 25.60
N LYS D 311 21.03 21.49 25.16
CA LYS D 311 21.63 21.27 23.84
C LYS D 311 22.25 19.85 23.78
N ASN D 312 21.94 19.10 24.81
CA ASN D 312 22.44 17.77 25.03
C ASN D 312 21.53 16.72 24.40
N ILE D 313 20.28 17.12 24.23
CA ILE D 313 19.24 16.25 23.74
C ILE D 313 19.20 16.33 22.22
N VAL D 314 19.27 15.17 21.59
CA VAL D 314 19.18 15.08 20.13
C VAL D 314 17.78 15.45 19.69
N MET D 315 17.70 16.25 18.63
CA MET D 315 16.44 16.81 18.15
C MET D 315 16.05 16.14 16.83
N GLN D 316 14.88 15.51 16.79
CA GLN D 316 14.45 14.87 15.55
C GLN D 316 13.53 15.83 14.82
N SER D 317 13.95 16.27 13.64
CA SER D 317 13.20 17.29 12.92
C SER D 317 12.34 16.68 11.86
N TRP D 318 11.08 17.09 11.82
CA TRP D 318 10.11 16.60 10.86
C TRP D 318 9.29 17.65 10.13
N ASN D 319 9.36 18.90 10.55
CA ASN D 319 8.59 19.95 9.91
C ASN D 319 9.46 20.91 9.14
N ASN D 320 8.85 21.55 8.15
CA ASN D 320 9.47 22.64 7.36
C ASN D 320 10.78 22.34 6.63
N GLY D 321 11.13 21.06 6.51
CA GLY D 321 12.33 20.66 5.80
C GLY D 321 13.56 21.39 6.30
N LEU D 322 14.31 21.96 5.37
CA LEU D 322 15.63 22.58 5.64
C LEU D 322 15.59 23.79 6.59
N GLU D 323 14.48 24.52 6.55
CA GLU D 323 14.25 25.66 7.43
C GLU D 323 14.48 25.28 8.88
N TYR D 324 13.66 24.36 9.39
CA TYR D 324 13.73 23.98 10.79
C TYR D 324 15.05 23.26 11.12
N ILE D 325 15.63 22.60 10.13
CA ILE D 325 16.93 21.96 10.31
C ILE D 325 18.02 23.03 10.51
N SER D 326 17.90 24.14 9.78
CA SER D 326 18.80 25.28 9.94
C SER D 326 18.67 25.90 11.35
N ASN D 327 17.45 26.25 11.73
CA ASN D 327 17.15 26.79 13.07
C ASN D 327 17.82 25.97 14.17
N LEU D 328 17.55 24.67 14.23
CA LEU D 328 18.08 23.81 15.33
C LEU D 328 19.59 23.61 15.32
N THR D 329 20.14 23.47 14.12
CA THR D 329 21.55 23.19 13.92
C THR D 329 22.37 24.47 14.23
N ALA D 330 21.76 25.63 14.00
CA ALA D 330 22.35 26.92 14.34
C ALA D 330 22.46 27.12 15.85
N ARG D 331 21.51 26.57 16.60
CA ARG D 331 21.46 26.76 18.05
C ARG D 331 22.21 25.68 18.85
N GLY D 332 23.00 24.84 18.16
CA GLY D 332 23.85 23.82 18.79
C GLY D 332 23.21 22.47 19.09
N TYR D 333 22.18 22.11 18.34
CA TYR D 333 21.53 20.81 18.58
C TYR D 333 22.01 19.78 17.57
N ASP D 334 22.38 18.61 18.07
CA ASP D 334 22.52 17.44 17.22
C ASP D 334 21.14 17.07 16.64
N VAL D 335 21.04 16.89 15.32
CA VAL D 335 19.75 16.68 14.65
C VAL D 335 19.65 15.38 13.84
N ILE D 336 18.53 14.68 14.01
CA ILE D 336 18.12 13.56 13.14
C ILE D 336 17.11 14.12 12.13
N VAL D 337 17.45 14.04 10.84
CA VAL D 337 16.55 14.45 9.76
C VAL D 337 15.42 13.42 9.51
N SER D 338 14.18 13.87 9.58
CA SER D 338 13.01 13.08 9.22
C SER D 338 11.93 13.97 8.64
N SER D 339 12.34 15.00 7.89
CA SER D 339 11.41 15.96 7.32
C SER D 339 10.20 15.28 6.62
N SER D 340 9.00 15.70 6.98
CA SER D 340 7.78 15.12 6.45
C SER D 340 7.55 15.31 4.96
N ASP D 341 8.12 16.35 4.41
CA ASP D 341 7.95 16.66 3.00
C ASP D 341 8.81 15.76 2.09
N PHE D 342 9.69 14.94 2.68
CA PHE D 342 10.55 14.05 1.91
C PHE D 342 10.53 12.61 2.36
N LEU D 343 10.29 12.37 3.66
CA LEU D 343 10.64 11.10 4.28
C LEU D 343 9.55 10.40 5.11
N TYR D 344 8.41 11.05 5.30
CA TYR D 344 7.29 10.43 5.99
C TYR D 344 6.64 9.39 5.07
N LEU D 345 6.75 8.11 5.41
CA LEU D 345 6.35 7.00 4.52
C LEU D 345 4.86 6.73 4.53
N ASP D 346 4.18 7.10 5.62
CA ASP D 346 2.75 6.98 5.72
C ASP D 346 1.97 7.92 4.80
N CYS D 347 2.54 9.00 4.30
CA CYS D 347 1.72 10.00 3.62
C CYS D 347 1.08 9.49 2.35
N GLY D 348 -0.05 10.09 2.00
CA GLY D 348 -0.69 9.90 0.71
C GLY D 348 -1.77 8.85 0.70
N HIS D 349 -2.25 8.43 1.85
CA HIS D 349 -3.38 7.47 1.93
C HIS D 349 -4.64 8.09 2.49
N GLY D 350 -4.84 9.37 2.18
CA GLY D 350 -6.02 10.08 2.65
C GLY D 350 -6.07 10.13 4.17
N GLY D 351 -7.22 10.55 4.69
CA GLY D 351 -7.39 10.66 6.12
C GLY D 351 -7.94 9.34 6.60
N PHE D 352 -7.69 9.03 7.87
CA PHE D 352 -8.27 7.85 8.51
C PHE D 352 -9.45 8.21 9.41
N VAL D 353 -9.63 9.51 9.67
CA VAL D 353 -10.74 9.99 10.54
C VAL D 353 -12.06 9.75 9.84
N THR D 354 -13.05 9.27 10.60
CA THR D 354 -14.33 8.83 10.07
C THR D 354 -15.40 9.90 10.17
N ASN D 355 -16.59 9.57 9.71
CA ASN D 355 -17.68 10.54 9.55
C ASN D 355 -17.19 11.87 8.99
N ASP D 356 -16.43 11.80 7.89
CA ASP D 356 -15.70 12.94 7.33
C ASP D 356 -16.35 13.43 6.02
N PRO D 357 -17.05 14.57 6.07
CA PRO D 357 -17.82 15.04 4.92
C PRO D 357 -16.96 15.73 3.85
N ARG D 358 -15.68 15.93 4.13
CA ARG D 358 -14.81 16.53 3.12
C ARG D 358 -14.66 15.66 1.84
N TYR D 359 -14.95 14.37 1.93
CA TYR D 359 -14.92 13.48 0.77
C TYR D 359 -16.20 13.58 -0.09
N ASN D 360 -17.27 14.07 0.50
CA ASN D 360 -18.59 14.05 -0.10
C ASN D 360 -18.82 15.19 -1.09
N VAL D 361 -18.01 15.26 -2.14
CA VAL D 361 -18.12 16.31 -3.14
C VAL D 361 -18.25 15.69 -4.53
N MET D 362 -19.43 15.75 -5.14
CA MET D 362 -19.64 15.02 -6.39
C MET D 362 -19.15 15.69 -7.65
N ALA D 363 -18.44 16.80 -7.49
CA ALA D 363 -17.91 17.53 -8.64
C ALA D 363 -16.72 18.39 -8.22
N ASN D 364 -15.81 18.65 -9.15
CA ASN D 364 -14.65 19.49 -8.83
C ASN D 364 -15.13 20.91 -8.50
N PRO D 365 -14.92 21.36 -7.26
CA PRO D 365 -15.35 22.71 -6.90
C PRO D 365 -14.49 23.79 -7.60
N ASP D 366 -13.26 23.47 -7.97
CA ASP D 366 -12.40 24.42 -8.70
C ASP D 366 -11.32 23.74 -9.55
N ALA D 367 -11.56 23.71 -10.85
CA ALA D 367 -10.67 23.01 -11.79
C ALA D 367 -9.30 23.65 -11.94
N ASN D 368 -9.16 24.92 -11.57
CA ASN D 368 -7.88 25.61 -11.73
C ASN D 368 -6.92 25.43 -10.58
N THR D 369 -7.44 25.18 -9.38
CA THR D 369 -6.57 24.91 -8.25
C THR D 369 -6.76 23.48 -7.72
N PRO D 370 -5.65 22.81 -7.42
CA PRO D 370 -5.75 21.56 -6.68
C PRO D 370 -6.46 21.75 -5.34
N ASN D 371 -7.47 20.92 -5.10
CA ASN D 371 -8.30 21.00 -3.91
C ASN D 371 -8.51 19.57 -3.38
N PHE D 372 -9.27 19.47 -2.29
CA PHE D 372 -9.29 18.25 -1.46
C PHE D 372 -9.38 16.90 -2.21
N ASN D 373 -10.47 16.70 -2.95
CA ASN D 373 -10.67 15.47 -3.71
C ASN D 373 -10.20 15.52 -5.17
N TYR D 374 -9.61 16.65 -5.60
CA TYR D 374 -9.21 16.87 -6.99
C TYR D 374 -7.85 17.58 -7.02
N GLY D 375 -6.78 16.79 -7.01
CA GLY D 375 -5.44 17.33 -7.04
C GLY D 375 -4.79 17.50 -5.67
N GLY D 376 -5.59 17.57 -4.61
CA GLY D 376 -5.09 17.96 -3.28
C GLY D 376 -4.82 16.77 -2.38
N ASN D 377 -4.76 17.00 -1.08
CA ASN D 377 -4.24 15.98 -0.18
C ASN D 377 -5.13 14.71 0.07
N GLY D 378 -6.44 14.83 -0.17
CA GLY D 378 -7.39 13.75 0.16
C GLY D 378 -7.46 13.38 1.63
N GLY D 379 -7.01 14.32 2.49
CA GLY D 379 -7.11 14.17 3.93
C GLY D 379 -5.86 13.64 4.58
N SER D 380 -4.79 13.49 3.81
CA SER D 380 -3.44 13.30 4.35
C SER D 380 -2.72 14.62 4.44
N TRP D 381 -2.53 15.09 5.65
CA TRP D 381 -1.90 16.41 5.86
C TRP D 381 -0.52 16.53 5.18
N CYS D 382 0.25 15.45 5.20
CA CYS D 382 1.60 15.45 4.61
C CYS D 382 1.63 14.93 3.16
N ALA D 383 0.48 14.87 2.50
CA ALA D 383 0.42 14.42 1.10
C ALA D 383 1.25 15.32 0.17
N PRO D 384 1.68 14.77 -0.99
CA PRO D 384 1.46 13.40 -1.50
C PRO D 384 2.37 12.33 -0.91
N TYR D 385 2.06 11.10 -1.28
CA TYR D 385 2.91 9.96 -1.17
C TYR D 385 4.30 10.29 -1.63
N LYS D 386 5.29 9.92 -0.81
CA LYS D 386 6.67 10.21 -1.16
C LYS D 386 7.23 9.02 -1.93
N THR D 387 7.51 9.20 -3.21
CA THR D 387 8.08 8.16 -4.01
C THR D 387 9.51 8.00 -3.65
N TRP D 388 10.10 6.88 -4.06
CA TRP D 388 11.52 6.64 -3.77
C TRP D 388 12.39 7.74 -4.33
N GLN D 389 11.95 8.43 -5.37
CA GLN D 389 12.76 9.49 -5.96
C GLN D 389 12.80 10.71 -5.03
N ARG D 390 11.62 11.16 -4.62
CA ARG D 390 11.44 12.19 -3.61
C ARG D 390 12.41 12.02 -2.44
N ILE D 391 12.45 10.80 -1.93
CA ILE D 391 13.29 10.45 -0.81
C ILE D 391 14.77 10.58 -1.20
N TYR D 392 15.14 9.98 -2.32
CA TYR D 392 16.52 9.94 -2.76
C TYR D 392 17.07 11.34 -3.11
N ASP D 393 16.21 12.20 -3.64
CA ASP D 393 16.61 13.56 -4.01
C ASP D 393 16.82 14.50 -2.84
N TYR D 394 16.42 14.15 -1.63
CA TYR D 394 16.48 15.09 -0.51
C TYR D 394 17.91 15.47 -0.12
N ASP D 395 18.32 16.69 -0.44
CA ASP D 395 19.62 17.21 0.00
C ASP D 395 19.43 17.92 1.32
N PHE D 396 19.59 17.18 2.42
CA PHE D 396 19.21 17.74 3.73
C PHE D 396 20.31 18.59 4.42
N THR D 397 21.46 18.78 3.75
CA THR D 397 22.43 19.77 4.19
C THR D 397 22.58 20.90 3.18
N LEU D 398 21.49 21.26 2.51
CA LEU D 398 21.55 22.27 1.50
C LEU D 398 21.52 23.64 2.19
N ASN D 399 22.38 24.55 1.75
CA ASN D 399 22.45 25.93 2.26
C ASN D 399 22.78 26.00 3.75
N LEU D 400 23.45 24.98 4.27
CA LEU D 400 23.98 24.97 5.64
C LEU D 400 25.49 25.26 5.66
N THR D 401 26.01 25.69 6.81
CA THR D 401 27.46 25.85 7.01
C THR D 401 28.06 24.51 7.41
N GLU D 402 29.39 24.44 7.47
CA GLU D 402 30.07 23.19 7.86
C GLU D 402 29.78 22.86 9.31
N THR D 403 29.82 23.89 10.15
CA THR D 403 29.53 23.74 11.58
C THR D 403 28.10 23.26 11.79
N GLN D 404 27.20 23.74 10.94
CA GLN D 404 25.83 23.22 10.93
C GLN D 404 25.74 21.76 10.43
N ALA D 405 26.28 21.51 9.24
CA ALA D 405 26.23 20.20 8.60
C ALA D 405 26.73 19.06 9.49
N LYS D 406 27.76 19.32 10.29
CA LYS D 406 28.34 18.31 11.17
C LYS D 406 27.47 18.04 12.42
N HIS D 407 26.45 18.88 12.64
CA HIS D 407 25.43 18.60 13.65
C HIS D 407 24.37 17.58 13.16
N ILE D 408 24.27 17.36 11.84
CA ILE D 408 23.41 16.27 11.29
C ILE D 408 24.05 14.91 11.56
N ILE D 409 23.35 14.06 12.32
CA ILE D 409 23.91 12.75 12.67
C ILE D 409 23.35 11.64 11.79
N GLY D 410 22.41 12.00 10.93
CA GLY D 410 21.78 11.03 10.02
C GLY D 410 20.32 11.32 9.78
N ALA D 411 19.54 10.26 9.58
CA ALA D 411 18.14 10.42 9.18
C ALA D 411 17.32 9.26 9.62
N THR D 412 16.02 9.49 9.71
CA THR D 412 15.07 8.46 10.04
C THR D 412 13.86 8.68 9.18
N ALA D 413 13.39 7.59 8.56
CA ALA D 413 12.13 7.63 7.80
C ALA D 413 11.05 7.00 8.64
N PRO D 414 10.11 7.80 9.13
CA PRO D 414 9.06 7.22 9.96
C PRO D 414 7.91 6.69 9.13
N LEU D 415 7.39 5.53 9.56
CA LEU D 415 6.15 5.00 9.05
C LEU D 415 5.12 5.05 10.17
N TRP D 416 4.26 6.05 10.13
CA TRP D 416 3.22 6.18 11.14
C TRP D 416 2.17 5.14 10.81
N GLY D 417 1.55 4.59 11.85
CA GLY D 417 0.82 3.36 11.75
C GLY D 417 -0.68 3.47 11.82
N GLU D 418 -1.22 4.59 11.40
CA GLU D 418 -2.66 4.71 11.42
C GLU D 418 -3.31 3.70 10.48
N GLN D 419 -2.75 3.59 9.28
CA GLN D 419 -3.19 2.65 8.23
C GLN D 419 -2.09 1.61 7.92
N VAL D 420 -1.40 1.18 8.97
CA VAL D 420 -0.35 0.19 8.83
C VAL D 420 -0.47 -0.88 9.92
N ASP D 421 -0.71 -2.12 9.52
CA ASP D 421 -0.37 -3.25 10.40
C ASP D 421 0.41 -4.33 9.61
N ASP D 422 0.45 -5.57 10.08
CA ASP D 422 1.26 -6.63 9.46
C ASP D 422 1.01 -6.76 7.98
N ILE D 423 -0.20 -6.40 7.55
CA ILE D 423 -0.57 -6.65 6.21
C ILE D 423 0.24 -5.81 5.25
N ASN D 424 0.58 -4.58 5.60
CA ASN D 424 1.30 -3.69 4.65
C ASN D 424 2.52 -3.00 5.20
N VAL D 425 2.89 -3.33 6.42
CA VAL D 425 4.05 -2.65 6.99
C VAL D 425 5.25 -2.78 6.03
N SER D 426 5.40 -3.94 5.37
CA SER D 426 6.61 -4.17 4.54
C SER D 426 6.55 -3.43 3.22
N SER D 427 5.37 -3.35 2.62
CA SER D 427 5.24 -2.71 1.30
C SER D 427 5.24 -1.20 1.44
N MET D 428 4.99 -0.73 2.66
CA MET D 428 5.08 0.70 2.95
C MET D 428 6.51 1.09 3.22
N PHE D 429 7.23 0.25 3.95
CA PHE D 429 8.66 0.49 4.24
C PHE D 429 9.56 0.29 3.02
N TRP D 430 9.32 -0.80 2.30
CA TRP D 430 10.21 -1.26 1.26
C TRP D 430 9.57 -1.22 -0.09
N PRO D 431 10.33 -0.81 -1.11
CA PRO D 431 11.75 -0.52 -1.12
C PRO D 431 12.15 0.94 -0.83
N ARG D 432 11.20 1.83 -0.59
CA ARG D 432 11.51 3.24 -0.39
C ARG D 432 12.59 3.52 0.70
N ALA D 433 12.55 2.83 1.82
CA ALA D 433 13.61 2.89 2.81
C ALA D 433 14.99 2.50 2.29
N ALA D 434 15.05 1.73 1.21
CA ALA D 434 16.34 1.48 0.51
C ALA D 434 16.88 2.74 -0.16
N ALA D 435 15.99 3.64 -0.58
CA ALA D 435 16.41 4.91 -1.12
C ALA D 435 17.05 5.78 -0.03
N LEU D 436 16.39 5.86 1.11
CA LEU D 436 16.98 6.58 2.23
C LEU D 436 18.32 5.94 2.61
N ALA D 437 18.35 4.61 2.58
CA ALA D 437 19.51 3.86 3.04
C ALA D 437 20.75 4.25 2.30
N GLU D 438 20.65 4.39 0.99
CA GLU D 438 21.76 4.87 0.20
C GLU D 438 22.04 6.36 0.42
N LEU D 439 20.98 7.16 0.55
CA LEU D 439 21.16 8.60 0.78
C LEU D 439 22.07 8.88 1.99
N VAL D 440 21.88 8.16 3.10
CA VAL D 440 22.66 8.38 4.31
C VAL D 440 23.86 7.44 4.46
N TRP D 441 23.93 6.42 3.61
CA TRP D 441 25.15 5.66 3.51
C TRP D 441 26.18 6.34 2.59
N SER D 442 25.88 6.45 1.29
CA SER D 442 26.83 6.96 0.32
C SER D 442 26.35 8.17 -0.45
N GLY D 443 25.19 8.68 -0.12
CA GLY D 443 24.72 9.93 -0.74
C GLY D 443 24.05 9.74 -2.11
N ASN D 444 23.52 10.84 -2.63
CA ASN D 444 22.82 10.84 -3.89
C ASN D 444 23.61 11.53 -4.99
N ARG D 445 24.93 11.58 -4.80
CA ARG D 445 25.83 12.23 -5.76
C ARG D 445 26.77 11.23 -6.39
N ASP D 446 27.04 11.41 -7.68
CA ASP D 446 28.05 10.65 -8.40
C ASP D 446 29.43 11.24 -8.10
N ALA D 447 30.47 10.71 -8.75
CA ALA D 447 31.86 11.19 -8.55
C ALA D 447 32.04 12.71 -8.79
N ASN D 448 31.35 13.24 -9.80
CA ASN D 448 31.42 14.65 -10.15
C ASN D 448 30.45 15.57 -9.37
N GLY D 449 29.77 15.02 -8.35
CA GLY D 449 28.81 15.80 -7.56
C GLY D 449 27.42 15.97 -8.20
N ASN D 450 27.20 15.40 -9.38
CA ASN D 450 25.86 15.45 -10.00
C ASN D 450 24.94 14.44 -9.32
N LYS D 451 23.67 14.80 -9.23
CA LYS D 451 22.69 13.98 -8.53
C LYS D 451 22.44 12.73 -9.35
N ARG D 452 22.61 11.57 -8.75
CA ARG D 452 22.63 10.30 -9.52
C ARG D 452 21.38 9.46 -9.42
N THR D 453 20.25 10.11 -9.19
CA THR D 453 18.98 9.44 -9.07
C THR D 453 18.67 8.51 -10.24
N THR D 454 19.03 8.92 -11.45
CA THR D 454 18.79 8.08 -12.61
C THR D 454 19.61 6.79 -12.59
N GLU D 455 20.77 6.84 -11.98
CA GLU D 455 21.59 5.64 -11.79
C GLU D 455 21.00 4.75 -10.70
N MET D 456 20.26 5.35 -9.77
CA MET D 456 19.67 4.60 -8.66
C MET D 456 18.51 3.72 -9.13
N THR D 457 17.89 4.11 -10.23
CA THR D 457 16.78 3.41 -10.80
C THR D 457 16.99 1.89 -10.82
N GLN D 458 17.94 1.41 -11.62
CA GLN D 458 18.17 -0.05 -11.76
C GLN D 458 18.69 -0.71 -10.46
N ARG D 459 19.45 0.05 -9.70
CA ARG D 459 19.93 -0.44 -8.43
C ARG D 459 18.77 -0.72 -7.46
N ILE D 460 17.86 0.23 -7.30
CA ILE D 460 16.75 0.08 -6.37
C ILE D 460 15.73 -0.92 -6.90
N LEU D 461 15.56 -0.95 -8.22
CA LEU D 461 14.62 -1.87 -8.86
C LEU D 461 15.05 -3.31 -8.66
N ASN D 462 16.35 -3.55 -8.80
CA ASN D 462 16.90 -4.85 -8.58
C ASN D 462 16.86 -5.20 -7.12
N PHE D 463 17.20 -4.22 -6.30
CA PHE D 463 17.19 -4.40 -4.87
C PHE D 463 15.79 -4.80 -4.36
N ARG D 464 14.74 -4.24 -4.96
CA ARG D 464 13.39 -4.64 -4.59
C ARG D 464 13.17 -6.13 -4.84
N GLU D 465 13.65 -6.62 -5.97
CA GLU D 465 13.44 -8.02 -6.27
C GLU D 465 14.28 -8.87 -5.33
N TYR D 466 15.45 -8.37 -4.94
CA TYR D 466 16.29 -9.07 -3.96
C TYR D 466 15.56 -9.17 -2.64
N LEU D 467 15.05 -8.05 -2.15
CA LEU D 467 14.35 -8.03 -0.88
C LEU D 467 13.25 -9.08 -0.87
N VAL D 468 12.51 -9.19 -1.96
CA VAL D 468 11.46 -10.18 -2.08
C VAL D 468 12.07 -11.58 -2.03
N ALA D 469 13.11 -11.84 -2.81
CA ALA D 469 13.82 -13.11 -2.68
C ALA D 469 14.22 -13.44 -1.24
N ASN D 470 14.54 -12.42 -0.45
CA ASN D 470 14.94 -12.62 0.95
C ASN D 470 13.81 -12.59 1.98
N GLY D 471 12.57 -12.70 1.56
CA GLY D 471 11.46 -12.77 2.50
C GLY D 471 10.75 -11.46 2.84
N VAL D 472 11.35 -10.35 2.40
CA VAL D 472 10.84 -9.00 2.69
C VAL D 472 9.83 -8.55 1.63
N GLN D 473 8.57 -8.41 2.02
CA GLN D 473 7.50 -8.16 1.09
C GLN D 473 7.41 -6.71 0.55
N ALA D 474 8.38 -6.34 -0.26
CA ALA D 474 8.51 -4.97 -0.75
C ALA D 474 7.60 -4.72 -1.92
N GLN D 475 7.12 -3.49 -2.05
CA GLN D 475 6.19 -3.12 -3.11
C GLN D 475 6.90 -3.01 -4.46
N ALA D 476 6.24 -3.42 -5.53
CA ALA D 476 6.70 -3.13 -6.89
C ALA D 476 6.63 -1.62 -7.14
N LEU D 477 7.60 -1.10 -7.90
CA LEU D 477 7.72 0.33 -8.22
C LEU D 477 7.42 0.69 -9.64
N VAL D 478 7.44 -0.29 -10.55
CA VAL D 478 7.19 -0.04 -11.99
C VAL D 478 6.68 -1.33 -12.63
N PRO D 479 6.11 -1.22 -13.82
CA PRO D 479 5.91 -2.40 -14.60
C PRO D 479 7.21 -3.11 -14.75
N LYS D 480 7.15 -4.43 -14.72
CA LYS D 480 8.37 -5.20 -14.85
C LYS D 480 9.07 -4.97 -16.20
N TYR D 481 8.35 -4.47 -17.19
CA TYR D 481 8.93 -4.10 -18.46
C TYR D 481 10.11 -3.13 -18.30
N CYS D 482 10.03 -2.24 -17.32
CA CYS D 482 11.07 -1.25 -17.04
C CYS D 482 12.33 -1.83 -16.47
N LEU D 483 12.26 -2.93 -15.75
CA LEU D 483 13.49 -3.58 -15.27
C LEU D 483 14.25 -4.18 -16.43
N GLN D 484 13.52 -4.85 -17.30
CA GLN D 484 14.14 -5.62 -18.39
C GLN D 484 14.55 -4.72 -19.56
N HIS D 485 14.01 -3.50 -19.63
CA HIS D 485 14.36 -2.54 -20.65
C HIS D 485 14.87 -1.30 -19.94
N PRO D 486 16.16 -1.24 -19.63
CA PRO D 486 16.65 -0.18 -18.76
C PRO D 486 16.45 1.23 -19.34
N HIS D 487 15.92 2.13 -18.52
CA HIS D 487 15.63 3.52 -18.90
C HIS D 487 14.50 3.69 -19.91
N ALA D 488 13.81 2.61 -20.23
CA ALA D 488 12.71 2.67 -21.21
C ALA D 488 11.48 3.37 -20.62
N CYS D 489 11.47 3.48 -19.28
CA CYS D 489 10.42 4.18 -18.55
C CYS D 489 10.88 5.50 -17.97
N ASP D 490 12.09 5.93 -18.30
CA ASP D 490 12.47 7.28 -17.98
C ASP D 490 11.51 8.28 -18.66
N LEU D 491 11.26 9.38 -17.97
CA LEU D 491 10.55 10.54 -18.54
C LEU D 491 11.42 11.35 -19.49
N TYR D 492 12.70 11.51 -19.15
CA TYR D 492 13.69 12.17 -20.03
C TYR D 492 14.76 11.15 -20.43
N ARG D 493 15.06 11.06 -21.73
CA ARG D 493 16.25 10.35 -22.21
C ARG D 493 17.53 10.97 -21.69
N ASN D 494 17.52 12.29 -21.61
CA ASN D 494 18.64 13.03 -21.08
C ASN D 494 18.94 12.61 -19.65
N GLN D 495 20.04 11.86 -19.47
CA GLN D 495 20.41 11.37 -18.16
C GLN D 495 20.96 12.44 -17.26
N ALA D 496 20.98 13.70 -17.73
CA ALA D 496 21.35 14.83 -16.88
C ALA D 496 20.16 15.69 -16.45
N ALA D 497 18.95 15.18 -16.66
CA ALA D 497 17.71 15.91 -16.36
C ALA D 497 17.64 16.36 -14.92
N ILE D 498 18.09 15.49 -14.01
CA ILE D 498 18.10 15.80 -12.59
C ILE D 498 19.44 16.46 -12.21
N GLN D 499 19.40 17.36 -11.23
CA GLN D 499 20.57 18.21 -10.83
C GLN D 499 20.83 18.42 -9.29
C1 NAG E . 1.60 13.17 -38.11
C2 NAG E . 1.98 14.63 -38.15
C3 NAG E . 0.82 15.57 -38.41
C4 NAG E . 0.01 15.16 -39.63
C5 NAG E . -0.37 13.69 -39.42
C6 NAG E . -1.12 13.09 -40.61
C7 NAG E . 3.86 15.28 -36.73
C8 NAG E . 4.27 15.72 -35.35
N2 NAG E . 2.56 15.04 -36.88
O3 NAG E . 1.28 16.91 -38.56
O4 NAG E . -1.10 16.05 -39.64
O5 NAG E . 0.79 12.88 -39.24
O6 NAG E . -0.26 13.16 -41.72
O7 NAG E . 4.68 15.13 -37.65
C1 NAG E . -1.61 16.37 -40.96
C2 NAG E . -3.07 16.76 -40.71
C3 NAG E . -3.67 17.72 -41.74
C4 NAG E . -2.80 18.95 -42.02
C5 NAG E . -1.31 18.70 -41.68
C6 NAG E . -0.93 19.29 -40.33
C7 NAG E . -4.48 15.16 -39.43
C8 NAG E . -4.36 15.98 -38.17
N2 NAG E . -3.87 15.55 -40.56
O3 NAG E . -4.93 18.17 -41.26
O4 NAG E . -2.98 19.35 -43.37
O5 NAG E . -0.89 17.34 -41.71
O6 NAG E . -0.18 20.43 -40.61
O7 NAG E . -5.15 14.12 -39.42
C1 BMA E . -2.77 20.77 -43.62
C2 BMA E . -2.17 20.94 -45.03
C3 BMA E . -1.91 22.42 -45.36
C4 BMA E . -3.13 23.28 -45.03
C5 BMA E . -3.71 22.97 -43.65
C6 BMA E . -5.01 23.74 -43.42
O2 BMA E . -3.05 20.33 -45.99
O3 BMA E . -1.54 22.61 -46.74
O4 BMA E . -2.71 24.66 -45.11
O5 BMA E . -3.94 21.56 -43.47
O6 BMA E . -5.69 23.26 -42.26
C1 NAG F . -21.17 14.84 -25.12
C2 NAG F . -22.22 15.90 -25.47
C3 NAG F . -22.04 16.33 -26.93
C4 NAG F . -20.58 16.70 -27.21
C5 NAG F . -19.52 15.85 -26.48
C6 NAG F . -18.18 16.56 -26.42
C7 NAG F . -24.31 16.01 -24.16
C8 NAG F . -23.80 17.17 -23.33
N2 NAG F . -23.57 15.46 -25.14
O3 NAG F . -22.84 17.47 -27.15
O4 NAG F . -20.35 16.59 -28.61
O5 NAG F . -19.91 15.51 -25.16
O6 NAG F . -17.21 15.73 -27.00
O7 NAG F . -25.43 15.58 -23.92
C1 NAG F . -20.12 17.87 -29.23
C2 NAG F . -19.48 17.68 -30.61
C3 NAG F . -18.98 19.06 -31.02
C4 NAG F . -20.22 19.91 -31.29
C5 NAG F . -21.29 19.82 -30.16
C6 NAG F . -22.67 19.98 -30.76
C7 NAG F . -18.36 15.69 -31.60
C8 NAG F . -19.33 15.63 -32.76
N2 NAG F . -18.46 16.64 -30.65
O3 NAG F . -18.17 18.99 -32.17
O4 NAG F . -19.84 21.25 -31.49
O5 NAG F . -21.31 18.62 -29.40
O6 NAG F . -22.91 18.92 -31.65
O7 NAG F . -17.47 14.83 -31.58
C1 NAG G . -7.96 27.25 28.98
C2 NAG G . -8.79 28.44 28.53
C3 NAG G . -7.91 29.62 28.13
C4 NAG G . -6.92 29.98 29.25
C5 NAG G . -6.28 28.75 29.90
C6 NAG G . -5.60 29.16 31.22
C7 NAG G . -11.00 27.96 27.54
C8 NAG G . -11.70 27.97 28.88
N2 NAG G . -9.68 28.15 27.43
O3 NAG G . -8.71 30.74 27.83
O4 NAG G . -5.88 30.80 28.70
O5 NAG G . -7.21 27.68 30.12
O6 NAG G . -5.67 28.13 32.20
O7 NAG G . -11.67 27.77 26.54
C1 NAG G . -5.84 32.11 29.29
C2 NAG G . -4.44 32.71 29.13
C3 NAG G . -4.37 34.10 29.76
C4 NAG G . -5.52 35.00 29.31
C5 NAG G . -6.86 34.25 29.32
C6 NAG G . -7.93 35.07 28.60
C7 NAG G . -2.47 31.24 29.13
C8 NAG G . -1.56 30.41 29.99
N2 NAG G . -3.45 31.86 29.77
O3 NAG G . -3.13 34.68 29.40
O4 NAG G . -5.63 36.16 30.14
O5 NAG G . -6.76 33.00 28.68
O6 NAG G . -8.99 34.21 28.23
O7 NAG G . -2.26 31.29 27.92
C1 BMA G . -5.30 37.40 29.45
C2 BMA G . -6.57 38.23 29.17
C3 BMA G . -6.27 39.69 28.86
C4 BMA G . -4.79 39.95 28.51
C5 BMA G . -3.76 39.25 29.42
C6 BMA G . -3.05 40.22 30.39
O2 BMA G . -7.44 38.22 30.31
O3 BMA G . -6.65 40.49 29.99
O4 BMA G . -4.58 39.53 27.15
O5 BMA G . -4.36 38.19 30.19
O6 BMA G . -1.92 40.86 29.77
C1 MAN H . -20.71 -3.02 19.83
C2 MAN H . -19.65 -2.31 20.71
C3 MAN H . -18.90 -3.23 21.65
C4 MAN H . -19.82 -4.21 22.36
C5 MAN H . -20.63 -4.93 21.28
C6 MAN H . -21.49 -6.09 21.81
O2 MAN H . -20.21 -1.27 21.46
O3 MAN H . -18.23 -2.46 22.58
O4 MAN H . -19.02 -5.12 23.09
O5 MAN H . -21.45 -3.97 20.60
O6 MAN H . -22.36 -6.55 20.78
C1 MAN I . -17.67 6.87 25.97
C2 MAN I . -17.92 6.62 27.47
C3 MAN I . -17.71 7.90 28.30
C4 MAN I . -16.31 8.47 28.00
C5 MAN I . -16.07 8.58 26.50
C6 MAN I . -14.65 9.05 26.17
O2 MAN I . -17.03 5.62 27.94
O3 MAN I . -17.91 7.60 29.68
O4 MAN I . -16.23 9.77 28.51
O5 MAN I . -16.36 7.36 25.80
O6 MAN I . -13.66 8.26 26.78
C1 MAN J . -22.55 12.15 28.93
C2 MAN J . -21.88 13.43 29.47
C3 MAN J . -20.54 13.17 30.17
C4 MAN J . -20.62 11.98 31.13
C5 MAN J . -21.15 10.77 30.38
C6 MAN J . -21.23 9.52 31.28
O2 MAN J . -22.77 14.07 30.36
O3 MAN J . -20.06 14.33 30.85
O4 MAN J . -19.34 11.68 31.63
O5 MAN J . -22.44 11.06 29.85
O6 MAN J . -20.32 8.56 30.80
C1 NAG K . -26.94 19.00 -9.92
C2 NAG K . -25.59 19.71 -9.83
C3 NAG K . -25.66 20.57 -8.58
C4 NAG K . -26.71 21.65 -8.84
C5 NAG K . -28.06 21.05 -9.30
C6 NAG K . -28.94 22.11 -9.97
C7 NAG K . -23.64 18.38 -9.05
C8 NAG K . -22.53 17.46 -9.46
N2 NAG K . -24.44 18.79 -10.02
O3 NAG K . -24.43 21.19 -8.26
O4 NAG K . -26.86 22.43 -7.67
O5 NAG K . -27.94 19.97 -10.23
O6 NAG K . -28.98 23.25 -9.15
O7 NAG K . -23.78 18.69 -7.86
C1 NGT L . -5.69 5.32 -17.65
C2 NGT L . -5.19 4.27 -18.65
C3 NGT L . -4.52 3.08 -17.98
C4 NGT L . -3.53 3.58 -16.96
C5 NGT L . -4.29 4.36 -15.91
C6 NGT L . -3.41 4.72 -14.72
C7 NGT L . -7.48 3.95 -18.64
C8 NGT L . -8.78 3.38 -19.13
N2 NGT L . -6.42 3.78 -19.29
S1 NGT L . -7.33 4.80 -17.21
O3 NGT L . -3.90 2.26 -18.96
O4 NGT L . -2.86 2.48 -16.37
O5 NGT L . -4.83 5.52 -16.52
O6 NGT L . -4.18 5.32 -13.66
CL CL M . -32.14 2.65 8.66
CL CL N . -35.02 -6.69 -2.13
CL CL O . -24.43 9.90 -31.08
CL CL P . 1.17 13.80 -13.27
CL CL Q . -28.92 -18.70 -19.22
CL CL R . -13.03 7.14 -44.81
CL CL S . 0.38 19.50 -8.64
C1 MAN T . 21.90 -5.09 -17.90
C2 MAN T . 20.94 -5.01 -19.10
C3 MAN T . 20.27 -6.36 -19.31
C4 MAN T . 21.32 -7.41 -19.53
C5 MAN T . 22.27 -7.41 -18.34
C6 MAN T . 23.42 -8.38 -18.55
O2 MAN T . 21.64 -4.68 -20.28
O3 MAN T . 19.43 -6.30 -20.44
O4 MAN T . 20.67 -8.63 -19.65
O5 MAN T . 22.84 -6.10 -18.17
O6 MAN T . 24.17 -8.39 -17.33
C1 MAN U . 16.45 -0.68 -27.52
C2 MAN U . 16.76 -1.54 -28.74
C3 MAN U . 16.35 -0.80 -30.02
C4 MAN U . 14.87 -0.41 -29.95
C5 MAN U . 14.62 0.39 -28.68
C6 MAN U . 13.13 0.64 -28.46
O2 MAN U . 16.11 -2.80 -28.62
O3 MAN U . 16.61 -1.66 -31.12
O4 MAN U . 14.46 0.33 -31.10
O5 MAN U . 15.08 -0.34 -27.55
O6 MAN U . 12.48 -0.62 -28.49
C1 MAN V . 19.53 3.62 -33.25
C2 MAN V . 19.33 4.66 -34.39
C3 MAN V . 17.91 4.67 -34.99
C4 MAN V . 17.35 3.23 -35.17
C5 MAN V . 17.53 2.47 -33.85
C6 MAN V . 16.90 1.08 -33.83
O2 MAN V . 20.30 4.42 -35.39
O3 MAN V . 17.89 5.40 -36.21
O4 MAN V . 15.98 3.22 -35.57
O5 MAN V . 18.93 2.38 -33.59
O6 MAN V . 17.37 0.31 -34.90
C1 NAG W . 19.60 28.26 -1.13
C2 NAG W . 18.13 28.36 -1.60
C3 NAG W . 17.98 29.24 -2.85
C4 NAG W . 18.73 30.56 -2.74
C5 NAG W . 20.16 30.29 -2.30
C6 NAG W . 20.91 31.60 -2.10
C7 NAG W . 16.88 26.34 -0.96
C8 NAG W . 16.35 25.02 -1.44
N2 NAG W . 17.56 27.05 -1.87
O3 NAG W . 16.62 29.51 -3.11
O4 NAG W . 18.74 31.23 -3.99
O5 NAG W . 20.14 29.57 -1.09
O6 NAG W . 22.09 31.38 -1.36
O7 NAG W . 16.69 26.67 0.20
TA1 TBR X . 8.13 14.67 45.94
TA2 TBR X . 9.90 12.39 46.42
TA3 TBR X . 7.27 11.94 45.24
TA4 TBR X . 9.68 11.64 43.62
TA5 TBR X . 7.91 13.92 43.14
TA6 TBR X . 10.56 14.37 44.33
BR1 TBR X . 9.12 14.05 48.26
BR2 TBR X . 5.89 13.55 46.76
BR3 TBR X . 6.70 15.96 44.24
BR4 TBR X . 9.92 16.53 45.57
BR5 TBR X . 8.19 10.69 47.36
BR6 TBR X . 5.64 12.69 43.34
BR7 TBR X . 8.68 12.28 41.29
BR8 TBR X . 11.88 12.71 42.77
BR9 TBR X . 11.10 10.33 45.37
BRA TBR X . 7.86 9.77 43.91
BRB TBR X . 9.66 15.62 42.23
BRC TBR X . 12.15 13.62 46.25
C1 NGT Y . 2.49 13.80 13.37
C2 NGT Y . 2.29 13.15 14.74
C3 NGT Y . 2.19 11.63 14.70
C4 NGT Y . 1.29 11.16 13.58
C5 NGT Y . 1.69 11.78 12.24
C6 NGT Y . 0.71 11.37 11.14
C7 NGT Y . 4.56 13.55 14.66
C8 NGT Y . 5.95 13.56 15.21
N2 NGT Y . 3.55 13.44 15.41
S1 NGT Y . 4.22 13.66 13.04
O3 NGT Y . 1.67 11.17 15.95
O4 NGT Y . 1.36 9.74 13.49
O5 NGT Y . 1.68 13.21 12.34
O6 NGT Y . 1.35 11.36 9.86
CL CL Z . 31.10 1.19 23.92
CL CL AA . -5.86 17.09 6.32
CL CL BA . 7.26 30.20 35.68
CL CL BA . 8.74 29.24 37.32
CL CL CA . -6.33 20.41 -0.37
#